data_6D5D
#
_entry.id   6D5D
#
_cell.length_a   116.014
_cell.length_b   57.512
_cell.length_c   105.957
_cell.angle_alpha   90.00
_cell.angle_beta   103.38
_cell.angle_gamma   90.00
#
_symmetry.space_group_name_H-M   'C 1 2 1'
#
loop_
_entity.id
_entity.type
_entity.pdbx_description
1 polymer 'glycoside hydrolase WP_045175321'
2 branched beta-D-glucopyranose-(1-4)-beta-D-glucopyranose
3 non-polymer 'CALCIUM ION'
4 water water
#
_entity_poly.entity_id   1
_entity_poly.type   'polypeptide(L)'
_entity_poly.pdbx_seq_one_letter_code
;MAHHHHHHVDDDDKGGLGEYGQRFMWLWNKIHDPANGYFNQDGIPYHSVETLICEAPDYGHLTTSEAFSYYVWLEAVYGK
LTGDWSKFKTAWDTLEKYMIPSAEDQPMRSYDPNKPATYAGEWETPDKYPSPLEFNVPVGKDPLHNELVSTYGSTLMYGM
HWLMDVDNWYGYGKRGDGVSRASFINTFQRGPEESVWETVPHPSWEEFKWGGPNGFLDLFIKDQNYSKQWRYTNAPDADA
RAIQATYWAKEWAKEQGKFNEISSYVAKAAKMGDYLRYAMFDKYFKPLGCQDKNAAGGTGYDSAHYLLSWYYAWGGALDG
AWSWKIGCSHAHFGYQNPMAAWALANDSDMKPKSPNGASDWAKSLKRQIEFYRWLQSAEGAIAGGATNSWNGRYEKYPAG
TATFYGMAYEPNPVYRDPGSNTWFGFQAWSMQRVAEYYYVTGDKDAGALLEKWVSWIKSVVKLNSDGTFAIPSTLDWSGQ
PDTWNGTYTGNPNLHVKVVDYGTDLGITASLANALLYYSAATKKYGVFDEEAKNLAKELLDRMWKLYRDEKGLSAPEKRA
DYKRFFEQEVYIPAGWTGKMPNGDVIKSGVKFIDIRSKYKQDPDWPKLEAAYKSGQVPEFRYHRFWAQCDIAIANATYEI
LFGNQ
;
_entity_poly.pdbx_strand_id   A
#
loop_
_chem_comp.id
_chem_comp.type
_chem_comp.name
_chem_comp.formula
BGC D-saccharide, beta linking beta-D-glucopyranose 'C6 H12 O6'
CA non-polymer 'CALCIUM ION' 'Ca 2'
#
# COMPACT_ATOMS: atom_id res chain seq x y z
N LEU A 17 0.57 17.98 -28.28
CA LEU A 17 -0.27 17.01 -27.50
C LEU A 17 -1.68 16.98 -28.01
N GLY A 18 -2.22 15.78 -28.11
CA GLY A 18 -3.64 15.55 -28.47
C GLY A 18 -4.57 15.85 -27.33
N GLU A 19 -5.87 15.52 -27.54
CA GLU A 19 -6.93 15.81 -26.59
C GLU A 19 -6.58 15.22 -25.22
N TYR A 20 -6.11 13.96 -25.20
CA TYR A 20 -5.89 13.24 -23.94
C TYR A 20 -4.70 13.75 -23.17
N GLY A 21 -3.65 14.10 -23.88
CA GLY A 21 -2.43 14.63 -23.29
C GLY A 21 -2.72 16.03 -22.75
N GLN A 22 -3.64 16.74 -23.42
CA GLN A 22 -4.10 18.05 -22.94
C GLN A 22 -4.87 17.90 -21.59
N ARG A 23 -5.74 16.89 -21.49
CA ARG A 23 -6.44 16.60 -20.22
C ARG A 23 -5.41 16.37 -19.16
N PHE A 24 -4.38 15.55 -19.41
CA PHE A 24 -3.30 15.41 -18.42
C PHE A 24 -2.67 16.71 -17.93
N MET A 25 -2.34 17.60 -18.88
CA MET A 25 -1.69 18.86 -18.56
C MET A 25 -2.64 19.77 -17.77
N TRP A 26 -3.94 19.71 -18.09
CA TRP A 26 -4.91 20.48 -17.36
C TRP A 26 -4.92 20.07 -15.86
N LEU A 27 -5.03 18.76 -15.59
CA LEU A 27 -5.06 18.22 -14.21
C LEU A 27 -3.72 18.36 -13.56
N TRP A 28 -2.66 18.09 -14.29
CA TRP A 28 -1.36 18.36 -13.70
C TRP A 28 -1.28 19.78 -13.14
N ASN A 29 -1.73 20.75 -13.96
CA ASN A 29 -1.68 22.14 -13.53
C ASN A 29 -2.55 22.41 -12.29
N LYS A 30 -3.76 21.88 -12.26
CA LYS A 30 -4.57 21.91 -11.04
C LYS A 30 -3.80 21.36 -9.80
N ILE A 31 -3.22 20.17 -9.93
CA ILE A 31 -2.39 19.55 -8.83
C ILE A 31 -1.22 20.43 -8.36
N HIS A 32 -0.54 21.04 -9.32
CA HIS A 32 0.66 21.86 -8.99
C HIS A 32 0.36 23.37 -8.68
N ASP A 33 -0.87 23.83 -8.88
CA ASP A 33 -1.25 25.20 -8.48
C ASP A 33 -1.25 25.27 -6.95
N PRO A 34 -0.31 26.02 -6.35
CA PRO A 34 -0.19 26.04 -4.90
C PRO A 34 -1.44 26.56 -4.19
N ALA A 35 -2.27 27.32 -4.87
CA ALA A 35 -3.54 27.76 -4.27
C ALA A 35 -4.53 26.62 -4.05
N ASN A 36 -4.39 25.56 -4.82
CA ASN A 36 -5.24 24.38 -4.67
C ASN A 36 -4.93 23.51 -3.42
N GLY A 37 -3.69 23.58 -2.92
CA GLY A 37 -3.30 23.04 -1.62
C GLY A 37 -3.06 21.52 -1.58
N TYR A 38 -2.54 21.00 -2.69
CA TYR A 38 -2.23 19.57 -2.74
C TYR A 38 -0.97 19.20 -1.96
N PHE A 39 -0.07 20.18 -1.74
CA PHE A 39 1.23 19.91 -1.18
C PHE A 39 1.44 20.88 -0.03
N ASN A 40 2.25 20.45 0.92
CA ASN A 40 2.58 21.32 2.03
C ASN A 40 3.67 22.24 1.60
N GLN A 41 4.19 23.02 2.53
CA GLN A 41 5.14 24.06 2.20
C GLN A 41 6.52 23.51 1.81
N ASP A 42 6.79 22.23 2.19
CA ASP A 42 8.02 21.53 1.89
C ASP A 42 7.95 20.76 0.59
N GLY A 43 6.83 20.87 -0.12
CA GLY A 43 6.60 20.11 -1.32
C GLY A 43 6.11 18.67 -1.13
N ILE A 44 5.54 18.36 0.01
CA ILE A 44 5.17 16.99 0.34
C ILE A 44 3.70 16.86 0.07
N PRO A 45 3.29 15.91 -0.77
CA PRO A 45 1.87 15.83 -1.02
C PRO A 45 1.08 15.30 0.13
N TYR A 46 -0.10 15.85 0.31
CA TYR A 46 -1.01 15.40 1.31
C TYR A 46 -1.83 14.23 0.77
N HIS A 47 -2.40 13.45 1.68
CA HIS A 47 -3.37 12.48 1.26
C HIS A 47 -4.48 13.10 0.40
N SER A 48 -4.97 14.24 0.82
CA SER A 48 -6.07 14.90 0.10
C SER A 48 -6.03 16.38 0.42
N VAL A 49 -6.61 17.18 -0.48
CA VAL A 49 -6.73 18.62 -0.23
C VAL A 49 -7.52 18.86 1.05
N GLU A 50 -8.67 18.19 1.13
CA GLU A 50 -9.58 18.34 2.24
C GLU A 50 -8.99 17.64 3.44
N THR A 51 -9.08 18.24 4.63
CA THR A 51 -8.49 17.65 5.85
C THR A 51 -9.44 16.67 6.54
N LEU A 52 -10.75 16.93 6.47
CA LEU A 52 -11.74 16.03 7.14
C LEU A 52 -12.04 14.80 6.31
N ILE A 53 -11.30 13.73 6.57
CA ILE A 53 -11.42 12.45 5.87
C ILE A 53 -10.78 11.35 6.70
N CYS A 54 -11.29 10.17 6.59
CA CYS A 54 -10.85 9.04 7.39
C CYS A 54 -11.14 7.79 6.63
N GLU A 55 -10.11 7.01 6.31
CA GLU A 55 -10.25 5.78 5.53
C GLU A 55 -9.09 4.81 5.57
N ALA A 56 -7.88 5.35 5.64
CA ALA A 56 -6.67 4.51 5.79
C ALA A 56 -5.73 5.37 6.60
N PRO A 57 -5.35 6.55 6.07
CA PRO A 57 -5.01 7.61 6.97
C PRO A 57 -6.35 8.12 7.64
N ASP A 58 -6.25 8.77 8.81
CA ASP A 58 -7.44 9.20 9.59
C ASP A 58 -7.63 10.73 9.55
N TYR A 59 -6.74 11.40 8.84
CA TYR A 59 -6.82 12.86 8.63
C TYR A 59 -6.15 13.14 7.29
N GLY A 60 -6.72 14.07 6.55
CA GLY A 60 -6.35 14.27 5.16
C GLY A 60 -5.01 14.92 4.87
N HIS A 61 -4.41 15.59 5.86
CA HIS A 61 -3.08 16.16 5.75
C HIS A 61 -2.00 15.33 6.41
N LEU A 62 -2.37 14.11 6.80
CA LEU A 62 -1.35 13.07 6.77
C LEU A 62 -0.99 12.78 5.31
N THR A 63 0.06 12.00 5.14
CA THR A 63 0.39 11.42 3.85
C THR A 63 0.98 10.05 3.98
N THR A 64 1.14 9.41 2.81
CA THR A 64 1.46 8.00 2.77
C THR A 64 2.52 7.77 1.78
N SER A 65 3.19 6.64 1.90
CA SER A 65 4.16 6.26 0.89
C SER A 65 3.44 6.03 -0.41
N GLU A 66 2.18 5.59 -0.35
CA GLU A 66 1.30 5.50 -1.52
C GLU A 66 1.23 6.84 -2.26
N ALA A 67 0.92 7.94 -1.58
CA ALA A 67 0.86 9.30 -2.18
C ALA A 67 2.18 9.63 -2.88
N PHE A 68 3.29 9.32 -2.22
CA PHE A 68 4.60 9.64 -2.77
C PHE A 68 4.85 8.84 -4.05
N SER A 69 4.41 7.58 -4.05
CA SER A 69 4.50 6.72 -5.22
C SER A 69 3.74 7.28 -6.40
N TYR A 70 2.53 7.74 -6.12
CA TYR A 70 1.74 8.36 -7.18
C TYR A 70 2.34 9.70 -7.68
N TYR A 71 2.87 10.45 -6.76
CA TYR A 71 3.63 11.68 -7.12
C TYR A 71 4.74 11.34 -8.09
N VAL A 72 5.57 10.35 -7.79
CA VAL A 72 6.61 9.94 -8.75
C VAL A 72 6.04 9.53 -10.06
N TRP A 73 4.97 8.73 -10.04
CA TRP A 73 4.37 8.31 -11.28
C TRP A 73 3.86 9.50 -12.12
N LEU A 74 3.17 10.44 -11.45
CA LEU A 74 2.62 11.64 -12.10
C LEU A 74 3.74 12.40 -12.83
N GLU A 75 4.83 12.61 -12.14
CA GLU A 75 5.90 13.36 -12.77
C GLU A 75 6.65 12.60 -13.85
N ALA A 76 6.63 11.26 -13.78
CA ALA A 76 7.22 10.46 -14.86
C ALA A 76 6.47 10.72 -16.13
N VAL A 77 5.16 10.72 -16.06
CA VAL A 77 4.34 10.93 -17.20
C VAL A 77 4.52 12.34 -17.74
N TYR A 78 4.69 13.32 -16.83
CA TYR A 78 4.97 14.72 -17.20
C TYR A 78 6.22 14.75 -18.09
N GLY A 79 7.29 14.05 -17.68
CA GLY A 79 8.53 13.89 -18.47
C GLY A 79 8.34 13.28 -19.87
N LYS A 80 7.71 12.13 -19.92
CA LYS A 80 7.23 11.59 -21.17
C LYS A 80 6.56 12.64 -22.10
N LEU A 81 5.58 13.39 -21.57
CA LEU A 81 4.74 14.30 -22.37
C LEU A 81 5.40 15.70 -22.68
N THR A 82 6.35 16.14 -21.89
CA THR A 82 6.92 17.42 -22.13
C THR A 82 8.40 17.41 -22.44
N GLY A 83 9.11 16.29 -22.21
CA GLY A 83 10.57 16.28 -22.27
C GLY A 83 11.30 16.85 -21.05
N ASP A 84 10.57 17.33 -20.07
CA ASP A 84 11.12 17.95 -18.85
C ASP A 84 11.11 16.99 -17.62
N TRP A 85 12.30 16.54 -17.21
CA TRP A 85 12.52 15.55 -16.12
C TRP A 85 12.81 16.20 -14.78
N SER A 86 12.76 17.54 -14.72
CA SER A 86 12.97 18.22 -13.44
C SER A 86 11.85 17.86 -12.42
N LYS A 87 10.60 17.76 -12.87
CA LYS A 87 9.47 17.44 -11.94
C LYS A 87 9.68 16.05 -11.27
N PHE A 88 10.07 15.08 -12.10
CA PHE A 88 10.42 13.72 -11.62
C PHE A 88 11.59 13.73 -10.64
N LYS A 89 12.62 14.47 -10.96
CA LYS A 89 13.77 14.45 -10.06
C LYS A 89 13.38 15.08 -8.74
N THR A 90 12.57 16.13 -8.77
CA THR A 90 12.19 16.83 -7.51
C THR A 90 11.29 15.88 -6.66
N ALA A 91 10.37 15.21 -7.33
CA ALA A 91 9.50 14.22 -6.65
C ALA A 91 10.34 13.21 -5.90
N TRP A 92 11.24 12.52 -6.59
CA TRP A 92 12.21 11.64 -5.89
C TRP A 92 13.03 12.28 -4.79
N ASP A 93 13.55 13.49 -5.05
CA ASP A 93 14.34 14.19 -4.04
C ASP A 93 13.58 14.35 -2.74
N THR A 94 12.31 14.79 -2.84
CA THR A 94 11.46 14.98 -1.67
C THR A 94 11.14 13.64 -0.98
N LEU A 95 10.85 12.61 -1.78
CA LEU A 95 10.60 11.23 -1.28
C LEU A 95 11.75 10.79 -0.42
N GLU A 96 12.95 10.84 -0.96
CA GLU A 96 14.09 10.43 -0.23
C GLU A 96 14.35 11.28 0.99
N LYS A 97 14.21 12.59 0.85
CA LYS A 97 14.53 13.47 2.00
C LYS A 97 13.56 13.24 3.16
N TYR A 98 12.28 13.06 2.88
CA TYR A 98 11.24 13.07 3.92
C TYR A 98 10.63 11.69 4.27
N MET A 99 10.46 10.79 3.30
CA MET A 99 9.64 9.55 3.51
C MET A 99 10.51 8.30 3.71
N ILE A 100 11.77 8.36 3.27
CA ILE A 100 12.73 7.34 3.68
C ILE A 100 13.47 7.70 4.99
N PRO A 101 13.31 6.90 6.07
CA PRO A 101 13.97 7.34 7.30
C PRO A 101 15.50 7.50 7.08
N SER A 102 16.09 8.56 7.62
CA SER A 102 17.48 8.91 7.32
C SER A 102 18.31 8.09 8.29
N ALA A 103 19.62 8.21 8.17
CA ALA A 103 20.52 7.53 9.15
C ALA A 103 20.21 7.81 10.61
N GLU A 104 19.86 9.06 10.90
CA GLU A 104 19.62 9.51 12.28
C GLU A 104 18.26 8.97 12.78
N ASP A 105 17.33 8.71 11.87
CA ASP A 105 16.04 8.13 12.20
C ASP A 105 16.10 6.66 12.48
N GLN A 106 17.08 5.96 11.88
CA GLN A 106 17.13 4.48 11.99
C GLN A 106 18.56 4.06 12.28
N PRO A 107 19.05 4.45 13.46
CA PRO A 107 20.41 4.10 13.91
C PRO A 107 20.47 2.63 14.36
N MET A 108 20.62 1.71 13.40
N MET A 108 20.66 1.71 13.42
CA MET A 108 20.54 0.26 13.69
CA MET A 108 20.52 0.27 13.73
C MET A 108 21.89 -0.31 14.15
C MET A 108 21.86 -0.34 14.13
N ARG A 109 21.88 -0.87 15.36
CA ARG A 109 23.04 -1.50 15.91
C ARG A 109 22.61 -2.82 16.56
N SER A 110 23.57 -3.72 16.62
CA SER A 110 23.43 -5.05 17.22
C SER A 110 22.34 -5.98 16.61
N TYR A 111 22.16 -5.86 15.30
CA TYR A 111 21.22 -6.78 14.64
C TYR A 111 21.83 -8.18 14.57
N ASP A 112 21.00 -9.17 14.87
CA ASP A 112 21.39 -10.57 14.72
C ASP A 112 20.55 -11.24 13.64
N PRO A 113 21.11 -11.49 12.47
CA PRO A 113 20.32 -12.22 11.45
C PRO A 113 19.85 -13.61 11.85
N ASN A 114 20.55 -14.30 12.74
CA ASN A 114 20.04 -15.58 13.25
C ASN A 114 18.90 -15.43 14.28
N LYS A 115 18.71 -14.22 14.79
CA LYS A 115 17.59 -13.97 15.66
C LYS A 115 16.96 -12.57 15.34
N PRO A 116 16.21 -12.51 14.25
CA PRO A 116 15.68 -11.24 13.71
C PRO A 116 14.72 -10.49 14.57
N ALA A 117 13.99 -11.16 15.44
CA ALA A 117 12.95 -10.58 16.27
C ALA A 117 12.48 -11.61 17.25
N THR A 118 11.72 -11.17 18.21
CA THR A 118 10.97 -12.00 19.14
C THR A 118 9.56 -12.04 18.71
N TYR A 119 9.02 -13.22 18.67
CA TYR A 119 7.63 -13.45 18.28
C TYR A 119 6.59 -12.86 19.19
N ALA A 120 5.54 -12.27 18.60
CA ALA A 120 4.29 -12.03 19.26
C ALA A 120 3.12 -12.42 18.36
N GLY A 121 2.07 -12.95 18.96
CA GLY A 121 0.92 -13.26 18.21
C GLY A 121 0.15 -12.04 17.68
N GLU A 122 -0.72 -12.34 16.69
CA GLU A 122 -1.78 -11.44 16.25
C GLU A 122 -3.04 -12.01 16.84
N TRP A 123 -3.98 -11.12 17.20
CA TRP A 123 -5.18 -11.47 17.90
C TRP A 123 -6.39 -10.85 17.27
N GLU A 124 -7.49 -11.58 17.43
CA GLU A 124 -8.72 -11.32 16.70
C GLU A 124 -9.41 -10.01 16.99
N THR A 125 -9.24 -9.46 18.19
CA THR A 125 -9.86 -8.19 18.52
C THR A 125 -8.83 -7.30 19.21
N PRO A 126 -8.98 -5.98 19.10
CA PRO A 126 -8.09 -5.01 19.76
C PRO A 126 -8.00 -5.15 21.28
N ASP A 127 -9.09 -5.63 21.90
CA ASP A 127 -9.08 -5.79 23.34
C ASP A 127 -8.16 -6.95 23.84
N LYS A 128 -7.61 -7.77 22.93
N LYS A 128 -7.63 -7.79 22.93
CA LYS A 128 -6.60 -8.76 23.28
CA LYS A 128 -6.61 -8.77 23.31
C LYS A 128 -5.20 -8.21 23.34
C LYS A 128 -5.20 -8.22 23.32
N TYR A 129 -5.00 -6.94 23.00
CA TYR A 129 -3.68 -6.36 23.02
C TYR A 129 -3.51 -5.62 24.37
N PRO A 130 -2.28 -5.52 24.85
CA PRO A 130 -1.00 -5.77 24.19
C PRO A 130 -0.76 -7.26 23.97
N SER A 131 -0.10 -7.61 22.86
CA SER A 131 0.21 -8.99 22.52
C SER A 131 1.48 -9.36 23.29
N PRO A 132 1.50 -10.47 24.08
CA PRO A 132 2.74 -10.94 24.75
C PRO A 132 3.79 -11.39 23.82
N LEU A 133 5.01 -10.92 24.04
CA LEU A 133 6.14 -11.54 23.46
C LEU A 133 6.16 -12.96 23.96
N GLU A 134 6.46 -13.90 23.08
CA GLU A 134 6.61 -15.33 23.44
C GLU A 134 8.05 -15.69 23.09
N PHE A 135 8.89 -15.71 24.13
CA PHE A 135 10.34 -15.76 23.95
C PHE A 135 10.90 -17.14 23.56
N ASN A 136 10.10 -18.19 23.69
CA ASN A 136 10.55 -19.52 23.28
C ASN A 136 10.14 -19.87 21.83
N VAL A 137 9.27 -19.08 21.23
CA VAL A 137 8.85 -19.37 19.84
C VAL A 137 10.04 -19.22 18.94
N PRO A 138 10.40 -20.26 18.19
CA PRO A 138 11.57 -20.11 17.35
C PRO A 138 11.32 -19.12 16.18
N VAL A 139 12.34 -18.36 15.79
CA VAL A 139 12.28 -17.36 14.73
C VAL A 139 13.38 -17.80 13.80
N GLY A 140 13.19 -17.62 12.51
CA GLY A 140 14.16 -18.13 11.53
C GLY A 140 15.21 -17.14 11.17
N LYS A 141 16.10 -17.56 10.27
N LYS A 141 16.04 -17.52 10.22
CA LYS A 141 17.24 -16.76 9.77
CA LYS A 141 17.16 -16.69 9.81
C LYS A 141 16.79 -15.73 8.75
C LYS A 141 16.75 -15.71 8.76
N ASP A 142 17.31 -14.52 8.85
CA ASP A 142 17.15 -13.49 7.86
C ASP A 142 18.30 -13.68 6.88
N PRO A 143 18.00 -14.13 5.63
CA PRO A 143 19.12 -14.33 4.66
C PRO A 143 19.49 -13.13 3.84
N LEU A 144 18.89 -11.98 4.11
CA LEU A 144 19.16 -10.76 3.33
C LEU A 144 20.20 -9.84 3.99
N HIS A 145 20.24 -9.79 5.32
CA HIS A 145 20.88 -8.72 6.04
C HIS A 145 22.35 -8.57 5.64
N ASN A 146 23.10 -9.67 5.79
CA ASN A 146 24.51 -9.67 5.45
C ASN A 146 24.76 -9.23 4.04
N GLU A 147 23.93 -9.65 3.10
CA GLU A 147 24.14 -9.34 1.70
C GLU A 147 23.95 -7.88 1.46
N LEU A 148 22.89 -7.34 2.03
CA LEU A 148 22.65 -5.93 1.89
C LEU A 148 23.70 -5.04 2.60
N VAL A 149 24.16 -5.43 3.77
CA VAL A 149 25.23 -4.64 4.46
C VAL A 149 26.51 -4.66 3.61
N SER A 150 26.86 -5.84 3.12
N SER A 150 26.87 -5.83 3.10
CA SER A 150 27.98 -6.04 2.18
CA SER A 150 28.03 -5.99 2.19
C SER A 150 27.87 -5.19 0.94
C SER A 150 27.89 -5.18 0.91
N THR A 151 26.68 -5.18 0.37
CA THR A 151 26.44 -4.45 -0.87
C THR A 151 26.51 -2.93 -0.77
N TYR A 152 25.89 -2.36 0.27
CA TYR A 152 25.71 -0.93 0.38
C TYR A 152 26.61 -0.30 1.45
N GLY A 153 27.31 -1.11 2.24
CA GLY A 153 28.14 -0.61 3.35
C GLY A 153 27.46 0.13 4.49
N SER A 154 26.20 -0.21 4.79
N SER A 154 26.21 -0.25 4.79
CA SER A 154 25.50 0.39 5.90
CA SER A 154 25.38 0.43 5.75
C SER A 154 24.37 -0.54 6.34
C SER A 154 24.36 -0.57 6.35
N THR A 155 23.88 -0.32 7.55
CA THR A 155 22.69 -0.96 8.06
C THR A 155 21.42 -0.17 7.70
N LEU A 156 21.54 0.98 7.01
CA LEU A 156 20.35 1.74 6.61
C LEU A 156 19.45 0.95 5.68
N MET A 157 18.19 0.81 6.10
CA MET A 157 17.12 0.19 5.28
C MET A 157 16.53 1.20 4.29
N TYR A 158 16.80 1.06 3.00
CA TYR A 158 16.30 2.01 2.01
C TYR A 158 14.88 1.65 1.54
N GLY A 159 13.90 2.09 2.31
CA GLY A 159 12.49 1.89 1.99
C GLY A 159 11.68 2.97 2.66
N MET A 160 10.57 3.31 2.07
CA MET A 160 9.60 4.25 2.70
C MET A 160 8.88 3.74 3.95
N HIS A 161 8.81 4.57 4.98
CA HIS A 161 7.87 4.38 6.06
C HIS A 161 6.51 4.84 5.49
N TRP A 162 5.45 4.17 5.90
CA TRP A 162 4.20 4.28 5.20
C TRP A 162 3.38 5.51 5.51
N LEU A 163 3.56 6.12 6.69
CA LEU A 163 2.58 7.10 7.18
C LEU A 163 3.31 8.28 7.84
N MET A 164 2.98 9.49 7.38
CA MET A 164 3.65 10.69 7.85
C MET A 164 2.65 11.73 8.25
N ASP A 165 2.90 12.44 9.36
CA ASP A 165 2.05 13.59 9.76
C ASP A 165 2.77 14.81 9.19
N VAL A 166 2.29 15.28 8.05
CA VAL A 166 3.04 16.15 7.18
C VAL A 166 3.26 17.50 7.85
N ASP A 167 2.20 18.03 8.43
CA ASP A 167 2.30 19.33 9.10
C ASP A 167 2.26 19.23 10.61
N ASN A 168 2.72 18.09 11.14
CA ASN A 168 2.70 17.86 12.57
C ASN A 168 1.39 18.13 13.27
N TRP A 169 0.29 17.76 12.64
CA TRP A 169 -1.02 17.90 13.22
C TRP A 169 -1.19 17.19 14.55
N TYR A 170 -0.57 16.01 14.67
CA TYR A 170 -0.72 15.26 15.91
C TYR A 170 0.19 15.82 17.02
N GLY A 171 1.28 16.47 16.66
CA GLY A 171 2.18 17.03 17.68
C GLY A 171 3.42 16.26 18.02
N TYR A 172 3.67 15.12 17.36
CA TYR A 172 4.88 14.34 17.74
C TYR A 172 6.21 14.93 17.24
N GLY A 173 6.14 15.67 16.12
CA GLY A 173 7.26 16.24 15.42
C GLY A 173 8.24 15.19 14.98
N LYS A 174 9.49 15.60 14.84
CA LYS A 174 10.58 14.77 14.29
C LYS A 174 11.50 14.34 15.41
N ARG A 175 11.69 13.03 15.53
CA ARG A 175 12.46 12.42 16.56
C ARG A 175 12.20 12.98 17.98
N GLY A 176 10.92 13.06 18.34
CA GLY A 176 10.54 13.46 19.66
C GLY A 176 10.55 15.00 19.91
N ASP A 177 10.92 15.84 18.93
CA ASP A 177 10.94 17.31 19.18
C ASP A 177 9.58 18.01 19.30
N GLY A 178 8.49 17.33 18.98
CA GLY A 178 7.16 17.92 19.13
C GLY A 178 6.81 19.13 18.24
N VAL A 179 7.69 19.51 17.33
CA VAL A 179 7.51 20.74 16.59
C VAL A 179 7.70 20.65 15.07
N SER A 180 8.64 19.83 14.60
CA SER A 180 8.95 19.74 13.17
C SER A 180 7.84 19.08 12.35
N ARG A 181 7.76 19.50 11.08
CA ARG A 181 6.91 18.91 10.07
C ARG A 181 7.53 17.56 9.63
N ALA A 182 6.76 16.79 8.86
CA ALA A 182 7.22 15.51 8.30
C ALA A 182 7.54 14.51 9.45
N SER A 183 6.56 14.36 10.32
CA SER A 183 6.67 13.57 11.54
C SER A 183 6.25 12.11 11.24
N PHE A 184 7.15 11.16 11.42
CA PHE A 184 6.81 9.73 11.19
C PHE A 184 5.92 9.24 12.29
N ILE A 185 4.74 8.73 11.91
CA ILE A 185 3.80 8.18 12.84
C ILE A 185 3.31 6.80 12.41
N ASN A 186 2.62 6.08 13.29
CA ASN A 186 1.97 4.85 12.91
C ASN A 186 0.65 4.73 13.60
N THR A 187 -0.19 3.85 13.09
CA THR A 187 -1.49 3.63 13.71
C THR A 187 -1.78 2.17 13.94
N PHE A 188 -2.10 1.44 12.88
CA PHE A 188 -2.49 0.05 12.99
C PHE A 188 -1.43 -0.82 13.65
N GLN A 189 -1.85 -1.47 14.74
CA GLN A 189 -1.02 -2.40 15.50
C GLN A 189 -1.72 -3.57 16.09
N ARG A 190 -3.03 -3.53 16.22
CA ARG A 190 -3.78 -4.44 17.06
C ARG A 190 -4.74 -5.38 16.31
N GLY A 191 -4.24 -5.93 15.25
CA GLY A 191 -4.84 -7.12 14.63
C GLY A 191 -5.93 -6.78 13.63
N PRO A 192 -6.64 -7.79 13.17
CA PRO A 192 -7.53 -7.64 12.00
C PRO A 192 -8.82 -6.88 12.21
N GLU A 193 -9.23 -6.72 13.47
CA GLU A 193 -10.45 -5.97 13.79
C GLU A 193 -10.15 -4.56 14.22
N GLU A 194 -8.90 -4.13 14.22
CA GLU A 194 -8.62 -2.73 14.54
C GLU A 194 -8.84 -1.88 13.29
N SER A 195 -10.04 -1.35 13.13
CA SER A 195 -10.33 -0.44 12.01
C SER A 195 -9.57 0.87 12.12
N VAL A 196 -9.63 1.63 11.03
CA VAL A 196 -9.05 2.94 11.01
C VAL A 196 -9.56 3.81 12.18
N TRP A 197 -10.75 3.48 12.64
CA TRP A 197 -11.41 4.23 13.72
C TRP A 197 -10.97 3.85 15.15
N GLU A 198 -10.16 2.80 15.29
CA GLU A 198 -9.95 2.14 16.56
C GLU A 198 -8.50 2.08 16.97
N THR A 199 -7.70 2.91 16.34
CA THR A 199 -6.29 3.00 16.55
C THR A 199 -5.88 4.07 17.61
N VAL A 200 -4.62 4.04 18.01
CA VAL A 200 -4.06 5.13 18.79
C VAL A 200 -2.82 5.66 18.07
N PRO A 201 -2.93 6.83 17.38
CA PRO A 201 -1.78 7.37 16.68
C PRO A 201 -0.63 7.71 17.59
N HIS A 202 0.53 7.20 17.18
CA HIS A 202 1.74 7.19 17.97
C HIS A 202 2.97 7.44 17.13
N PRO A 203 4.04 8.02 17.75
CA PRO A 203 5.22 8.28 17.00
C PRO A 203 6.06 7.03 16.73
N SER A 204 6.72 7.03 15.57
CA SER A 204 7.65 5.98 15.16
C SER A 204 8.90 6.02 16.10
N TRP A 205 9.29 7.23 16.52
CA TRP A 205 10.43 7.44 17.42
C TRP A 205 9.85 7.50 18.79
N GLU A 206 10.10 6.51 19.64
CA GLU A 206 9.44 6.40 20.94
C GLU A 206 10.45 6.75 22.08
N GLU A 207 10.24 7.94 22.65
CA GLU A 207 11.09 8.45 23.72
C GLU A 207 10.40 8.56 25.04
N PHE A 208 9.20 7.99 25.15
CA PHE A 208 8.33 8.04 26.31
C PHE A 208 7.81 9.47 26.65
N LYS A 209 7.98 10.43 25.75
CA LYS A 209 7.51 11.84 25.94
C LYS A 209 6.01 12.00 25.90
N TRP A 210 5.27 11.02 25.35
CA TRP A 210 3.81 11.05 25.30
C TRP A 210 3.24 9.71 25.67
N GLY A 211 1.92 9.55 25.56
CA GLY A 211 1.26 8.34 25.90
C GLY A 211 1.39 8.07 27.41
N GLY A 212 1.71 6.83 27.80
CA GLY A 212 1.94 6.49 29.23
C GLY A 212 3.36 6.48 29.71
N PRO A 213 3.59 5.87 30.89
CA PRO A 213 4.99 5.77 31.36
C PRO A 213 5.94 5.09 30.40
N ASN A 214 5.44 4.09 29.63
CA ASN A 214 6.24 3.40 28.60
C ASN A 214 5.90 3.91 27.17
N GLY A 215 5.67 5.22 27.06
CA GLY A 215 4.97 5.79 25.87
C GLY A 215 3.74 4.98 25.48
N PHE A 216 3.70 4.60 24.19
CA PHE A 216 2.62 3.77 23.64
C PHE A 216 2.94 2.25 23.60
N LEU A 217 4.19 1.84 23.89
CA LEU A 217 4.63 0.45 23.65
C LEU A 217 3.73 -0.58 24.27
N ASP A 218 3.21 -0.32 25.45
CA ASP A 218 2.47 -1.32 26.16
C ASP A 218 0.99 -1.32 25.88
N LEU A 219 0.57 -0.55 24.90
CA LEU A 219 -0.72 -0.88 24.29
C LEU A 219 -0.60 -2.04 23.32
N PHE A 220 0.60 -2.25 22.78
CA PHE A 220 0.76 -3.10 21.60
C PHE A 220 1.50 -4.40 21.86
N ILE A 221 2.62 -4.30 22.60
CA ILE A 221 3.47 -5.45 22.97
C ILE A 221 3.63 -5.53 24.52
N LYS A 222 3.40 -6.72 25.06
CA LYS A 222 3.59 -6.98 26.50
C LYS A 222 4.96 -7.56 26.72
N ASP A 223 5.80 -6.82 27.42
CA ASP A 223 7.17 -7.25 27.71
C ASP A 223 7.43 -7.00 29.24
N GLN A 224 8.59 -7.43 29.73
CA GLN A 224 8.91 -7.42 31.17
C GLN A 224 9.47 -6.05 31.49
N ASN A 225 10.20 -5.47 30.56
CA ASN A 225 10.52 -4.06 30.66
C ASN A 225 10.52 -3.42 29.23
N TYR A 226 10.56 -2.09 29.16
CA TYR A 226 10.37 -1.36 27.93
C TYR A 226 11.49 -0.38 27.76
N SER A 227 12.03 -0.27 26.55
CA SER A 227 13.07 0.68 26.27
C SER A 227 12.68 1.66 25.20
N LYS A 228 13.33 2.82 25.23
CA LYS A 228 13.12 3.83 24.20
C LYS A 228 13.60 3.25 22.90
N GLN A 229 12.90 3.56 21.82
CA GLN A 229 13.15 2.84 20.55
C GLN A 229 12.55 3.53 19.37
N TRP A 230 13.00 3.14 18.17
CA TRP A 230 12.38 3.60 16.90
C TRP A 230 11.81 2.40 16.14
N ARG A 231 10.82 2.63 15.28
CA ARG A 231 10.40 1.56 14.34
C ARG A 231 9.63 2.15 13.16
N TYR A 232 9.77 1.53 12.00
CA TYR A 232 9.13 1.98 10.78
C TYR A 232 8.47 0.77 10.11
N THR A 233 7.55 1.05 9.20
CA THR A 233 6.68 0.02 8.61
C THR A 233 6.50 0.41 7.19
N ASN A 234 6.90 -0.50 6.32
CA ASN A 234 6.89 -0.26 4.88
C ASN A 234 5.53 -0.68 4.37
N ALA A 235 5.07 -0.10 3.26
CA ALA A 235 3.85 -0.56 2.59
C ALA A 235 4.39 -1.01 1.23
N PRO A 236 4.61 -2.30 1.05
CA PRO A 236 5.29 -2.75 -0.19
C PRO A 236 4.62 -2.40 -1.49
N ASP A 237 3.29 -2.26 -1.52
CA ASP A 237 2.62 -1.89 -2.77
C ASP A 237 3.06 -0.52 -3.32
N ALA A 238 3.22 0.41 -2.40
CA ALA A 238 3.70 1.79 -2.71
C ALA A 238 5.14 1.84 -3.18
N ASP A 239 6.03 1.17 -2.45
CA ASP A 239 7.42 1.14 -2.93
C ASP A 239 7.51 0.50 -4.32
N ALA A 240 6.67 -0.52 -4.54
CA ALA A 240 6.71 -1.26 -5.79
C ALA A 240 6.15 -0.29 -6.85
N ARG A 241 5.06 0.43 -6.56
CA ARG A 241 4.55 1.43 -7.48
C ARG A 241 5.60 2.46 -7.95
N ALA A 242 6.36 2.97 -7.00
CA ALA A 242 7.41 3.96 -7.26
C ALA A 242 8.49 3.39 -8.19
N ILE A 243 8.77 2.08 -7.99
CA ILE A 243 9.69 1.38 -8.93
C ILE A 243 9.13 1.23 -10.32
N GLN A 244 7.88 0.80 -10.42
CA GLN A 244 7.16 0.73 -11.65
C GLN A 244 7.21 2.10 -12.37
N ALA A 245 6.89 3.14 -11.63
CA ALA A 245 6.92 4.51 -12.19
C ALA A 245 8.27 4.86 -12.77
N THR A 246 9.31 4.56 -12.00
CA THR A 246 10.69 4.86 -12.38
C THR A 246 11.14 4.06 -13.63
N TYR A 247 10.66 2.82 -13.71
CA TYR A 247 10.91 2.04 -14.91
C TYR A 247 10.39 2.81 -16.16
N TRP A 248 9.17 3.35 -16.11
CA TRP A 248 8.66 4.07 -17.24
C TRP A 248 9.38 5.40 -17.45
N ALA A 249 9.74 6.08 -16.38
CA ALA A 249 10.51 7.26 -16.47
C ALA A 249 11.81 7.00 -17.23
N LYS A 250 12.47 5.91 -16.95
CA LYS A 250 13.78 5.72 -17.60
C LYS A 250 13.60 5.25 -19.03
N GLU A 251 12.56 4.49 -19.33
CA GLU A 251 12.23 4.15 -20.72
C GLU A 251 11.88 5.38 -21.59
N TRP A 252 11.10 6.27 -21.00
CA TRP A 252 10.62 7.44 -21.64
C TRP A 252 11.76 8.44 -21.80
N ALA A 253 12.65 8.52 -20.84
CA ALA A 253 13.76 9.43 -20.93
C ALA A 253 14.84 8.92 -21.93
N LYS A 254 15.09 7.61 -21.98
CA LYS A 254 15.96 7.01 -22.99
C LYS A 254 15.44 7.31 -24.39
N GLU A 255 14.12 7.29 -24.58
CA GLU A 255 13.52 7.64 -25.84
C GLU A 255 13.89 9.07 -26.29
N GLN A 256 14.14 9.94 -25.34
CA GLN A 256 14.49 11.32 -25.59
C GLN A 256 15.96 11.62 -25.58
N GLY A 257 16.80 10.61 -25.40
CA GLY A 257 18.21 10.81 -25.11
C GLY A 257 18.50 11.54 -23.81
N LYS A 258 17.66 11.29 -22.79
CA LYS A 258 17.85 11.90 -21.47
C LYS A 258 18.15 10.95 -20.30
N PHE A 259 18.46 9.70 -20.62
CA PHE A 259 18.86 8.76 -19.59
C PHE A 259 19.76 9.31 -18.49
N ASN A 260 20.88 9.94 -18.83
CA ASN A 260 21.83 10.31 -17.77
C ASN A 260 21.26 11.27 -16.77
N GLU A 261 20.36 12.16 -17.21
CA GLU A 261 19.68 13.06 -16.27
C GLU A 261 19.03 12.28 -15.11
N ILE A 262 18.32 11.18 -15.44
CA ILE A 262 17.59 10.39 -14.43
C ILE A 262 18.32 9.14 -13.93
N SER A 263 19.45 8.79 -14.55
CA SER A 263 20.40 7.81 -14.11
C SER A 263 20.49 7.54 -12.60
N SER A 264 20.68 8.59 -11.80
CA SER A 264 20.82 8.44 -10.36
C SER A 264 19.46 8.06 -9.68
N TYR A 265 18.35 8.38 -10.33
CA TYR A 265 16.97 8.11 -9.87
C TYR A 265 16.59 6.66 -10.13
N VAL A 266 17.01 6.16 -11.29
CA VAL A 266 16.90 4.75 -11.58
C VAL A 266 17.70 3.94 -10.53
N ALA A 267 18.84 4.43 -10.07
CA ALA A 267 19.58 3.71 -9.06
C ALA A 267 18.87 3.66 -7.68
N LYS A 268 18.19 4.74 -7.33
CA LYS A 268 17.40 4.79 -6.07
C LYS A 268 16.34 3.67 -6.11
N ALA A 269 15.67 3.56 -7.24
CA ALA A 269 14.61 2.60 -7.47
C ALA A 269 15.13 1.20 -7.38
N ALA A 270 16.35 0.98 -7.94
CA ALA A 270 16.96 -0.32 -7.94
C ALA A 270 17.33 -0.69 -6.50
N LYS A 271 17.83 0.29 -5.74
CA LYS A 271 18.14 0.10 -4.34
C LYS A 271 16.89 -0.16 -3.45
N MET A 272 15.82 0.59 -3.71
N MET A 272 15.84 0.61 -3.68
CA MET A 272 14.54 0.39 -3.02
CA MET A 272 14.52 0.41 -3.07
C MET A 272 13.98 -1.01 -3.30
C MET A 272 14.01 -1.02 -3.31
N GLY A 273 14.11 -1.46 -4.55
CA GLY A 273 13.88 -2.84 -4.93
C GLY A 273 14.70 -3.86 -4.16
N ASP A 274 16.00 -3.58 -3.94
CA ASP A 274 16.86 -4.47 -3.20
C ASP A 274 16.35 -4.69 -1.78
N TYR A 275 15.96 -3.61 -1.08
CA TYR A 275 15.48 -3.71 0.30
C TYR A 275 14.04 -4.25 0.36
N LEU A 276 13.25 -4.01 -0.69
CA LEU A 276 11.87 -4.46 -0.78
C LEU A 276 11.72 -5.97 -0.80
N ARG A 277 12.82 -6.71 -0.94
CA ARG A 277 12.83 -8.18 -0.74
C ARG A 277 12.43 -8.59 0.65
N TYR A 278 12.62 -7.73 1.66
CA TYR A 278 12.11 -8.08 3.03
C TYR A 278 10.59 -8.37 3.03
N ALA A 279 9.88 -7.79 2.05
CA ALA A 279 8.46 -8.02 1.90
C ALA A 279 8.12 -9.44 1.42
N MET A 280 9.12 -10.19 0.95
CA MET A 280 8.94 -11.51 0.43
C MET A 280 9.06 -12.67 1.51
N PHE A 281 9.19 -12.35 2.78
CA PHE A 281 9.45 -13.29 3.83
C PHE A 281 8.34 -13.36 4.86
N ASP A 282 8.15 -14.55 5.37
CA ASP A 282 7.28 -14.77 6.53
C ASP A 282 7.65 -13.74 7.65
N LYS A 283 6.67 -13.38 8.43
CA LYS A 283 6.83 -12.39 9.50
C LYS A 283 8.05 -12.67 10.38
N TYR A 284 8.17 -13.91 10.81
CA TYR A 284 9.17 -14.32 11.76
C TYR A 284 10.07 -15.39 11.11
N PHE A 285 10.20 -15.28 9.79
CA PHE A 285 11.05 -16.17 9.01
C PHE A 285 10.82 -17.65 9.24
N LYS A 286 9.57 -18.00 9.45
CA LYS A 286 9.12 -19.36 9.61
C LYS A 286 8.88 -20.02 8.25
N PRO A 287 9.14 -21.33 8.15
CA PRO A 287 9.02 -21.98 6.85
C PRO A 287 7.57 -21.95 6.32
N LEU A 288 7.42 -21.88 5.01
CA LEU A 288 6.09 -21.99 4.42
C LEU A 288 5.42 -23.27 4.80
N GLY A 289 4.16 -23.15 5.15
CA GLY A 289 3.35 -24.29 5.49
C GLY A 289 3.53 -24.85 6.89
N CYS A 290 4.26 -24.16 7.76
CA CYS A 290 4.69 -24.79 9.03
C CYS A 290 3.50 -25.14 9.91
N GLN A 291 2.50 -24.30 9.95
CA GLN A 291 1.29 -24.54 10.71
C GLN A 291 1.54 -24.87 12.16
N ASP A 292 2.63 -24.36 12.73
CA ASP A 292 2.90 -24.54 14.15
C ASP A 292 3.83 -23.48 14.68
N LYS A 293 3.36 -22.66 15.62
CA LYS A 293 4.28 -21.65 16.16
C LYS A 293 5.57 -22.19 16.74
N ASN A 294 5.51 -23.44 17.24
CA ASN A 294 6.66 -24.11 17.90
C ASN A 294 7.59 -24.80 16.92
N ALA A 295 7.23 -24.90 15.64
CA ALA A 295 8.20 -25.40 14.62
C ALA A 295 9.50 -24.60 14.60
N ALA A 296 10.59 -25.26 14.21
CA ALA A 296 11.84 -24.62 13.94
C ALA A 296 11.72 -23.52 12.87
N GLY A 297 12.51 -22.46 13.06
CA GLY A 297 12.52 -21.34 12.15
C GLY A 297 13.19 -21.74 10.83
N GLY A 298 12.89 -21.00 9.77
CA GLY A 298 13.56 -21.17 8.52
C GLY A 298 15.05 -21.03 8.62
N THR A 299 15.75 -21.58 7.63
CA THR A 299 17.19 -21.46 7.56
C THR A 299 17.61 -20.63 6.40
N GLY A 300 16.68 -20.11 5.63
CA GLY A 300 17.07 -19.26 4.49
C GLY A 300 15.82 -18.94 3.75
N TYR A 301 15.76 -19.29 2.46
CA TYR A 301 14.63 -19.01 1.65
C TYR A 301 13.44 -19.97 1.80
N ASP A 302 13.52 -20.98 2.67
CA ASP A 302 12.33 -21.79 2.96
C ASP A 302 11.24 -21.01 3.65
N SER A 303 11.59 -19.87 4.23
CA SER A 303 10.63 -18.85 4.74
C SER A 303 10.21 -17.70 3.73
N ALA A 304 10.68 -17.76 2.48
CA ALA A 304 10.26 -16.82 1.48
C ALA A 304 8.97 -17.31 0.78
N HIS A 305 7.92 -16.48 0.81
CA HIS A 305 6.73 -16.68 -0.08
C HIS A 305 6.90 -16.04 -1.44
N TYR A 306 7.89 -15.14 -1.54
CA TYR A 306 8.20 -14.41 -2.76
C TYR A 306 7.03 -13.57 -3.31
N LEU A 307 6.13 -13.16 -2.42
CA LEU A 307 5.08 -12.23 -2.72
C LEU A 307 5.36 -10.90 -2.02
N LEU A 308 4.74 -9.83 -2.50
CA LEU A 308 4.76 -8.59 -1.79
C LEU A 308 3.72 -8.65 -0.67
N SER A 309 4.18 -8.96 0.55
CA SER A 309 3.29 -9.07 1.69
C SER A 309 2.77 -7.71 2.14
N TRP A 310 1.92 -7.71 3.15
CA TRP A 310 1.33 -6.48 3.64
C TRP A 310 2.34 -5.46 4.19
N TYR A 311 3.50 -5.89 4.73
CA TYR A 311 4.49 -5.00 5.16
C TYR A 311 5.79 -5.70 5.38
N TYR A 312 6.84 -4.91 5.52
CA TYR A 312 7.97 -5.29 6.36
C TYR A 312 8.18 -4.18 7.35
N ALA A 313 8.83 -4.50 8.46
CA ALA A 313 9.04 -3.50 9.52
C ALA A 313 10.37 -3.73 10.19
N TRP A 314 10.94 -2.64 10.71
CA TRP A 314 12.21 -2.75 11.36
C TRP A 314 12.31 -1.77 12.50
N GLY A 315 13.13 -2.11 13.49
CA GLY A 315 13.22 -1.31 14.72
C GLY A 315 14.56 -1.44 15.37
N GLY A 316 14.81 -0.56 16.33
CA GLY A 316 16.07 -0.56 17.12
C GLY A 316 15.88 0.26 18.39
N ALA A 317 16.59 -0.16 19.44
CA ALA A 317 16.62 0.56 20.70
C ALA A 317 17.44 1.82 20.44
N LEU A 318 17.02 2.95 21.04
CA LEU A 318 17.76 4.21 20.86
C LEU A 318 19.24 4.04 21.33
N ASP A 319 19.48 3.19 22.33
N ASP A 319 19.44 3.23 22.39
CA ASP A 319 20.85 2.89 22.81
CA ASP A 319 20.74 2.65 22.79
C ASP A 319 21.68 1.91 21.95
C ASP A 319 21.64 2.24 21.63
N GLY A 320 21.12 1.29 20.89
CA GLY A 320 21.89 0.38 20.04
C GLY A 320 22.04 -1.01 20.67
N ALA A 321 21.26 -1.28 21.71
CA ALA A 321 21.33 -2.53 22.47
C ALA A 321 20.74 -3.71 21.68
N TRP A 322 19.78 -3.40 20.80
CA TRP A 322 19.22 -4.42 19.94
C TRP A 322 18.57 -3.77 18.75
N SER A 323 18.29 -4.63 17.77
CA SER A 323 17.44 -4.24 16.72
C SER A 323 16.72 -5.48 16.18
N TRP A 324 15.73 -5.21 15.31
CA TRP A 324 14.89 -6.26 14.76
C TRP A 324 14.36 -5.93 13.35
N LYS A 325 13.95 -7.00 12.65
CA LYS A 325 13.35 -6.91 11.32
C LYS A 325 12.30 -7.97 11.22
N ILE A 326 11.15 -7.63 10.65
CA ILE A 326 10.12 -8.64 10.36
C ILE A 326 9.64 -8.47 8.93
N GLY A 327 9.19 -9.55 8.32
CA GLY A 327 8.39 -9.51 7.11
C GLY A 327 6.92 -9.52 7.48
N CYS A 328 6.14 -10.30 6.71
CA CYS A 328 4.71 -10.45 7.01
C CYS A 328 4.26 -11.76 6.39
N SER A 329 3.46 -12.47 7.13
CA SER A 329 2.98 -13.79 6.68
C SER A 329 1.73 -13.74 5.73
N HIS A 330 1.16 -12.56 5.53
CA HIS A 330 -0.09 -12.40 4.79
C HIS A 330 0.17 -11.62 3.51
N ALA A 331 -0.31 -12.18 2.40
CA ALA A 331 -0.14 -11.52 1.08
C ALA A 331 -1.53 -11.33 0.46
N HIS A 332 -1.75 -10.12 -0.11
CA HIS A 332 -2.97 -9.73 -0.77
C HIS A 332 -2.64 -9.52 -2.29
N PHE A 333 -3.49 -9.98 -3.17
CA PHE A 333 -3.18 -9.82 -4.65
C PHE A 333 -3.07 -8.34 -5.00
N GLY A 334 -3.84 -7.51 -4.27
CA GLY A 334 -3.86 -6.10 -4.42
C GLY A 334 -2.56 -5.38 -4.28
N TYR A 335 -1.59 -6.01 -3.61
CA TYR A 335 -0.27 -5.48 -3.49
C TYR A 335 0.76 -5.81 -4.54
N GLN A 336 0.51 -6.85 -5.32
CA GLN A 336 1.50 -7.44 -6.20
C GLN A 336 1.75 -6.44 -7.35
N ASN A 337 2.92 -6.57 -7.97
CA ASN A 337 3.35 -5.69 -9.05
C ASN A 337 4.28 -6.42 -9.99
N PRO A 338 3.75 -7.16 -10.93
CA PRO A 338 4.61 -7.80 -11.90
C PRO A 338 5.45 -6.88 -12.76
N MET A 339 4.99 -5.67 -13.00
CA MET A 339 5.75 -4.69 -13.80
C MET A 339 7.02 -4.30 -13.07
N ALA A 340 6.94 -3.89 -11.80
CA ALA A 340 8.15 -3.68 -11.02
C ALA A 340 9.01 -4.92 -10.92
N ALA A 341 8.41 -6.09 -10.63
CA ALA A 341 9.20 -7.32 -10.47
C ALA A 341 10.00 -7.62 -11.76
N TRP A 342 9.33 -7.52 -12.88
CA TRP A 342 9.98 -7.79 -14.16
C TRP A 342 11.17 -6.82 -14.39
N ALA A 343 10.94 -5.56 -14.12
CA ALA A 343 11.95 -4.56 -14.27
C ALA A 343 13.16 -4.85 -13.43
N LEU A 344 12.94 -5.20 -12.16
CA LEU A 344 14.09 -5.46 -11.32
C LEU A 344 14.83 -6.74 -11.69
N ALA A 345 14.06 -7.72 -12.20
CA ALA A 345 14.53 -9.01 -12.59
C ALA A 345 15.35 -9.05 -13.86
N ASN A 346 14.94 -8.24 -14.85
CA ASN A 346 15.30 -8.42 -16.22
C ASN A 346 15.90 -7.21 -16.88
N ASP A 347 15.57 -6.00 -16.44
CA ASP A 347 16.06 -4.79 -17.10
C ASP A 347 17.40 -4.43 -16.50
N SER A 348 18.45 -4.36 -17.35
CA SER A 348 19.80 -4.13 -16.85
C SER A 348 20.00 -2.77 -16.18
N ASP A 349 19.28 -1.72 -16.61
CA ASP A 349 19.31 -0.45 -15.92
C ASP A 349 18.78 -0.49 -14.47
N MET A 350 17.79 -1.34 -14.23
CA MET A 350 17.15 -1.43 -12.88
C MET A 350 17.68 -2.54 -12.02
N LYS A 351 18.72 -3.23 -12.47
CA LYS A 351 19.28 -4.37 -11.71
C LYS A 351 19.76 -3.95 -10.33
N PRO A 352 19.22 -4.54 -9.25
CA PRO A 352 19.74 -4.25 -7.93
C PRO A 352 21.25 -4.58 -7.77
N LYS A 353 21.96 -3.83 -6.94
N LYS A 353 21.97 -3.82 -6.95
CA LYS A 353 23.42 -4.05 -6.81
CA LYS A 353 23.42 -4.04 -6.80
C LYS A 353 23.81 -5.32 -6.05
C LYS A 353 23.80 -5.33 -6.06
N SER A 354 22.94 -5.83 -5.19
CA SER A 354 23.26 -7.08 -4.48
C SER A 354 23.44 -8.30 -5.42
N PRO A 355 24.22 -9.28 -4.98
CA PRO A 355 24.36 -10.45 -5.88
C PRO A 355 23.01 -11.11 -6.23
N ASN A 356 22.18 -11.32 -5.20
CA ASN A 356 20.92 -12.07 -5.42
C ASN A 356 19.67 -11.23 -5.75
N GLY A 357 19.76 -9.90 -5.69
CA GLY A 357 18.60 -9.00 -5.93
C GLY A 357 17.74 -9.38 -7.13
N ALA A 358 18.33 -9.36 -8.32
CA ALA A 358 17.58 -9.58 -9.55
C ALA A 358 17.04 -11.01 -9.66
N SER A 359 17.83 -12.01 -9.23
N SER A 359 17.83 -12.00 -9.23
CA SER A 359 17.36 -13.39 -9.24
CA SER A 359 17.38 -13.40 -9.24
C SER A 359 16.14 -13.60 -8.30
C SER A 359 16.17 -13.64 -8.29
N ASP A 360 16.23 -13.04 -7.11
CA ASP A 360 15.11 -13.09 -6.17
C ASP A 360 13.83 -12.46 -6.80
N TRP A 361 14.00 -11.37 -7.56
CA TRP A 361 12.87 -10.71 -8.18
C TRP A 361 12.35 -11.54 -9.32
N ALA A 362 13.23 -12.26 -10.04
CA ALA A 362 12.74 -13.10 -11.11
C ALA A 362 11.87 -14.20 -10.49
N LYS A 363 12.28 -14.73 -9.32
CA LYS A 363 11.43 -15.74 -8.64
C LYS A 363 10.08 -15.14 -8.20
N SER A 364 10.13 -13.92 -7.67
CA SER A 364 8.96 -13.24 -7.26
C SER A 364 8.02 -12.90 -8.42
N LEU A 365 8.57 -12.44 -9.55
CA LEU A 365 7.75 -12.25 -10.73
C LEU A 365 6.91 -13.48 -11.05
N LYS A 366 7.55 -14.65 -11.11
CA LYS A 366 6.81 -15.85 -11.52
C LYS A 366 5.80 -16.28 -10.40
N ARG A 367 6.22 -16.25 -9.15
CA ARG A 367 5.31 -16.53 -8.01
C ARG A 367 4.09 -15.64 -7.95
N GLN A 368 4.29 -14.34 -8.16
CA GLN A 368 3.18 -13.41 -8.29
C GLN A 368 2.19 -13.74 -9.34
N ILE A 369 2.62 -14.00 -10.56
CA ILE A 369 1.73 -14.27 -11.57
C ILE A 369 0.95 -15.56 -11.26
N GLU A 370 1.60 -16.58 -10.72
CA GLU A 370 0.87 -17.80 -10.27
C GLU A 370 -0.18 -17.49 -9.19
N PHE A 371 0.18 -16.62 -8.27
CA PHE A 371 -0.74 -16.11 -7.18
C PHE A 371 -2.01 -15.49 -7.72
N TYR A 372 -1.86 -14.55 -8.66
CA TYR A 372 -3.03 -13.94 -9.28
C TYR A 372 -3.91 -15.03 -9.95
N ARG A 373 -3.29 -15.95 -10.65
CA ARG A 373 -4.02 -16.95 -11.37
C ARG A 373 -4.74 -17.92 -10.41
N TRP A 374 -4.04 -18.34 -9.37
CA TRP A 374 -4.67 -19.12 -8.31
C TRP A 374 -5.87 -18.46 -7.68
N LEU A 375 -5.82 -17.13 -7.50
CA LEU A 375 -6.91 -16.41 -6.87
C LEU A 375 -8.05 -16.01 -7.84
N GLN A 376 -7.93 -16.31 -9.12
CA GLN A 376 -8.96 -15.87 -10.08
C GLN A 376 -10.27 -16.65 -9.93
N SER A 377 -11.30 -15.93 -9.55
CA SER A 377 -12.61 -16.49 -9.35
C SER A 377 -13.23 -17.03 -10.63
N ALA A 378 -14.28 -17.82 -10.44
CA ALA A 378 -15.03 -18.36 -11.55
C ALA A 378 -15.45 -17.28 -12.52
N GLU A 379 -15.82 -16.11 -12.04
CA GLU A 379 -16.33 -15.05 -12.88
C GLU A 379 -15.16 -14.28 -13.53
N GLY A 380 -14.04 -14.18 -12.81
CA GLY A 380 -12.81 -13.49 -13.30
C GLY A 380 -12.21 -12.46 -12.37
N ALA A 381 -12.98 -12.02 -11.36
CA ALA A 381 -12.43 -11.14 -10.33
C ALA A 381 -11.32 -11.88 -9.54
N ILE A 382 -10.43 -11.13 -8.90
CA ILE A 382 -9.31 -11.76 -8.17
C ILE A 382 -9.62 -11.78 -6.65
N ALA A 383 -9.57 -12.97 -6.06
CA ALA A 383 -9.85 -13.14 -4.66
C ALA A 383 -8.67 -12.69 -3.88
N GLY A 384 -8.79 -12.74 -2.55
CA GLY A 384 -7.94 -11.84 -1.75
C GLY A 384 -6.45 -12.19 -1.63
N GLY A 385 -6.15 -13.38 -1.18
CA GLY A 385 -4.83 -13.79 -0.98
C GLY A 385 -4.62 -14.95 -0.06
N ALA A 386 -3.54 -14.92 0.69
CA ALA A 386 -3.17 -16.15 1.42
C ALA A 386 -2.31 -15.80 2.60
N THR A 387 -2.14 -16.75 3.50
CA THR A 387 -1.37 -16.53 4.75
C THR A 387 -0.56 -17.74 5.03
N ASN A 388 0.69 -17.53 5.49
CA ASN A 388 1.51 -18.53 6.15
C ASN A 388 1.35 -18.60 7.64
N SER A 389 0.46 -17.78 8.17
CA SER A 389 0.24 -17.75 9.63
C SER A 389 -1.20 -17.67 9.94
N TRP A 390 -1.84 -18.83 9.96
CA TRP A 390 -3.27 -18.82 10.15
C TRP A 390 -3.67 -18.22 11.51
N ASN A 391 -4.61 -17.29 11.48
CA ASN A 391 -4.94 -16.39 12.63
C ASN A 391 -3.83 -15.54 13.21
N GLY A 392 -2.75 -15.43 12.48
CA GLY A 392 -1.58 -14.67 12.92
C GLY A 392 -0.80 -15.33 14.08
N ARG A 393 -1.02 -16.65 14.26
CA ARG A 393 -0.35 -17.44 15.29
C ARG A 393 0.12 -18.82 14.81
N TYR A 394 0.46 -18.94 13.53
CA TYR A 394 0.88 -20.18 12.95
C TYR A 394 -0.06 -21.35 13.39
N GLU A 395 -1.38 -21.13 13.37
N GLU A 395 -1.35 -21.17 13.31
CA GLU A 395 -2.35 -22.21 13.64
CA GLU A 395 -2.25 -22.25 13.69
C GLU A 395 -2.32 -23.27 12.52
C GLU A 395 -2.58 -23.17 12.49
N LYS A 396 -2.98 -24.41 12.81
CA LYS A 396 -3.31 -25.39 11.83
C LYS A 396 -4.52 -24.96 11.04
N TYR A 397 -4.41 -25.15 9.74
CA TYR A 397 -5.46 -24.73 8.82
C TYR A 397 -6.69 -25.62 9.03
N PRO A 398 -7.88 -25.06 8.85
CA PRO A 398 -9.09 -25.89 8.81
C PRO A 398 -8.96 -27.01 7.82
N ALA A 399 -9.59 -28.15 8.07
CA ALA A 399 -9.58 -29.24 7.07
C ALA A 399 -10.25 -28.71 5.82
N GLY A 400 -9.73 -29.09 4.67
CA GLY A 400 -10.31 -28.61 3.43
C GLY A 400 -9.80 -27.25 2.96
N THR A 401 -8.82 -26.67 3.65
CA THR A 401 -8.29 -25.35 3.19
C THR A 401 -7.45 -25.46 1.90
N ALA A 402 -7.73 -24.56 0.94
CA ALA A 402 -7.01 -24.57 -0.26
C ALA A 402 -5.67 -23.88 -0.02
N THR A 403 -4.63 -24.38 -0.64
CA THR A 403 -3.30 -23.80 -0.36
C THR A 403 -2.49 -23.47 -1.60
N PHE A 404 -1.47 -22.65 -1.38
CA PHE A 404 -0.61 -22.11 -2.42
C PHE A 404 0.75 -22.12 -1.84
N TYR A 405 1.62 -23.01 -2.34
CA TYR A 405 2.95 -23.25 -1.83
C TYR A 405 2.93 -23.34 -0.27
N GLY A 406 1.90 -24.00 0.23
CA GLY A 406 1.69 -24.12 1.68
C GLY A 406 1.07 -23.02 2.44
N MET A 407 0.70 -21.91 1.78
CA MET A 407 -0.06 -20.86 2.43
C MET A 407 -1.55 -21.11 2.31
N ALA A 408 -2.31 -20.73 3.31
CA ALA A 408 -3.73 -20.97 3.29
C ALA A 408 -4.43 -19.80 2.60
N TYR A 409 -5.37 -20.11 1.72
CA TYR A 409 -6.29 -19.09 1.19
C TYR A 409 -7.01 -18.26 2.29
N GLU A 410 -7.02 -16.94 2.16
CA GLU A 410 -7.86 -16.06 2.95
C GLU A 410 -8.63 -15.14 1.99
N PRO A 411 -9.95 -15.03 2.17
CA PRO A 411 -10.68 -14.11 1.35
C PRO A 411 -10.34 -12.63 1.65
N ASN A 412 -9.91 -12.33 2.88
CA ASN A 412 -9.70 -10.99 3.31
C ASN A 412 -8.45 -10.87 4.15
N PRO A 413 -7.29 -10.99 3.50
CA PRO A 413 -6.04 -10.91 4.20
C PRO A 413 -5.92 -9.71 5.07
N VAL A 414 -5.43 -9.93 6.29
CA VAL A 414 -4.95 -8.88 7.22
C VAL A 414 -6.03 -8.11 7.95
N TYR A 415 -6.99 -7.52 7.23
CA TYR A 415 -8.04 -6.73 7.87
C TYR A 415 -9.43 -7.23 7.54
N ARG A 416 -10.32 -7.05 8.51
N ARG A 416 -10.33 -7.05 8.50
CA ARG A 416 -11.72 -7.50 8.46
CA ARG A 416 -11.75 -7.48 8.43
C ARG A 416 -12.75 -6.40 8.75
C ARG A 416 -12.75 -6.40 8.75
N ASP A 417 -12.29 -5.16 8.98
CA ASP A 417 -13.19 -4.05 9.38
C ASP A 417 -12.83 -2.78 8.61
N PRO A 418 -13.16 -2.79 7.30
CA PRO A 418 -13.90 -3.80 6.54
C PRO A 418 -12.92 -4.84 5.94
N GLY A 419 -13.44 -5.91 5.35
CA GLY A 419 -12.60 -6.93 4.70
C GLY A 419 -11.69 -6.29 3.68
N SER A 420 -10.40 -6.65 3.71
CA SER A 420 -9.44 -5.96 2.79
C SER A 420 -9.81 -6.18 1.33
N ASN A 421 -10.50 -7.26 0.98
CA ASN A 421 -10.83 -7.50 -0.43
C ASN A 421 -12.32 -7.27 -0.77
N THR A 422 -13.04 -6.58 0.11
CA THR A 422 -14.36 -6.05 -0.16
C THR A 422 -14.21 -4.74 -0.98
N TRP A 423 -13.01 -4.12 -1.03
CA TRP A 423 -12.80 -2.88 -1.76
C TRP A 423 -12.46 -3.19 -3.21
N PHE A 424 -13.33 -2.82 -4.14
CA PHE A 424 -13.10 -3.16 -5.57
C PHE A 424 -11.87 -2.50 -6.11
N GLY A 425 -11.42 -1.39 -5.53
CA GLY A 425 -10.24 -0.69 -6.01
C GLY A 425 -8.96 -1.52 -6.17
N PHE A 426 -8.77 -2.55 -5.35
CA PHE A 426 -7.66 -3.46 -5.58
C PHE A 426 -7.71 -4.09 -6.97
N GLN A 427 -8.89 -4.47 -7.42
CA GLN A 427 -9.00 -5.05 -8.79
C GLN A 427 -8.31 -4.19 -9.81
N ALA A 428 -8.67 -2.92 -9.81
CA ALA A 428 -8.08 -1.95 -10.74
C ALA A 428 -6.61 -1.64 -10.53
N TRP A 429 -6.24 -1.28 -9.30
CA TRP A 429 -4.88 -0.94 -9.04
C TRP A 429 -3.93 -2.04 -9.41
N SER A 430 -4.28 -3.26 -9.00
CA SER A 430 -3.37 -4.36 -9.16
C SER A 430 -3.35 -4.88 -10.61
N MET A 431 -4.54 -5.13 -11.17
CA MET A 431 -4.61 -5.55 -12.61
C MET A 431 -4.01 -4.58 -13.63
N GLN A 432 -3.93 -3.31 -13.29
CA GLN A 432 -3.24 -2.27 -14.09
C GLN A 432 -1.76 -2.65 -14.24
N ARG A 433 -1.14 -3.19 -13.17
CA ARG A 433 0.29 -3.52 -13.17
C ARG A 433 0.51 -4.77 -13.99
N VAL A 434 -0.44 -5.72 -13.91
CA VAL A 434 -0.39 -6.92 -14.74
C VAL A 434 -0.57 -6.52 -16.23
N ALA A 435 -1.47 -5.62 -16.50
CA ALA A 435 -1.69 -5.12 -17.89
C ALA A 435 -0.47 -4.43 -18.47
N GLU A 436 0.19 -3.59 -17.72
CA GLU A 436 1.51 -3.06 -18.11
C GLU A 436 2.55 -4.17 -18.38
N TYR A 437 2.60 -5.15 -17.47
CA TYR A 437 3.47 -6.30 -17.67
C TYR A 437 3.19 -7.09 -18.96
N TYR A 438 1.96 -7.35 -19.23
CA TYR A 438 1.59 -8.04 -20.42
C TYR A 438 1.92 -7.21 -21.66
N TYR A 439 1.70 -5.90 -21.57
CA TYR A 439 2.03 -4.97 -22.66
C TYR A 439 3.52 -5.03 -23.00
N VAL A 440 4.38 -5.07 -21.99
CA VAL A 440 5.82 -5.13 -22.21
C VAL A 440 6.33 -6.49 -22.71
N THR A 441 5.82 -7.58 -22.14
CA THR A 441 6.44 -8.90 -22.35
C THR A 441 5.66 -9.84 -23.22
N GLY A 442 4.37 -9.67 -23.30
CA GLY A 442 3.51 -10.63 -23.95
C GLY A 442 3.33 -11.94 -23.20
N ASP A 443 3.68 -11.94 -21.91
CA ASP A 443 3.55 -13.23 -21.14
C ASP A 443 2.18 -13.87 -21.32
N LYS A 444 2.17 -15.13 -21.76
CA LYS A 444 0.89 -15.79 -22.06
C LYS A 444 0.02 -15.96 -20.84
N ASP A 445 0.60 -16.28 -19.68
CA ASP A 445 -0.23 -16.50 -18.46
C ASP A 445 -0.89 -15.20 -18.05
N ALA A 446 -0.12 -14.13 -18.06
CA ALA A 446 -0.64 -12.81 -17.70
C ALA A 446 -1.76 -12.45 -18.66
N GLY A 447 -1.59 -12.83 -19.93
CA GLY A 447 -2.63 -12.52 -20.96
C GLY A 447 -3.89 -13.28 -20.71
N ALA A 448 -3.75 -14.55 -20.39
CA ALA A 448 -4.97 -15.37 -20.15
C ALA A 448 -5.72 -14.93 -18.88
N LEU A 449 -4.93 -14.62 -17.88
CA LEU A 449 -5.46 -14.04 -16.64
C LEU A 449 -6.27 -12.75 -16.94
N LEU A 450 -5.60 -11.82 -17.64
CA LEU A 450 -6.25 -10.56 -18.03
C LEU A 450 -7.51 -10.75 -18.84
N GLU A 451 -7.50 -11.66 -19.81
CA GLU A 451 -8.62 -11.81 -20.70
C GLU A 451 -9.88 -12.18 -19.96
N LYS A 452 -9.74 -13.10 -19.00
CA LYS A 452 -10.87 -13.42 -18.18
C LYS A 452 -11.30 -12.30 -17.21
N TRP A 453 -10.35 -11.54 -16.66
CA TRP A 453 -10.68 -10.42 -15.75
C TRP A 453 -11.34 -9.28 -16.55
N VAL A 454 -10.82 -8.99 -17.71
CA VAL A 454 -11.46 -8.02 -18.62
C VAL A 454 -12.89 -8.46 -19.01
N SER A 455 -13.06 -9.76 -19.35
CA SER A 455 -14.41 -10.24 -19.58
C SER A 455 -15.36 -9.95 -18.41
N TRP A 456 -14.95 -10.25 -17.17
CA TRP A 456 -15.72 -9.86 -16.00
C TRP A 456 -15.98 -8.37 -15.91
N ILE A 457 -14.94 -7.56 -16.06
CA ILE A 457 -15.06 -6.12 -15.94
C ILE A 457 -16.17 -5.57 -16.88
N LYS A 458 -16.13 -6.01 -18.15
CA LYS A 458 -17.11 -5.55 -19.15
C LYS A 458 -18.51 -5.94 -18.69
N SER A 459 -18.67 -7.12 -18.07
CA SER A 459 -19.99 -7.51 -17.55
C SER A 459 -20.48 -6.76 -16.30
N VAL A 460 -19.61 -6.04 -15.59
CA VAL A 460 -20.03 -5.39 -14.32
C VAL A 460 -20.05 -3.91 -14.33
N VAL A 461 -19.23 -3.27 -15.18
CA VAL A 461 -19.27 -1.84 -15.30
C VAL A 461 -20.63 -1.37 -15.91
N LYS A 462 -21.21 -0.33 -15.30
CA LYS A 462 -22.45 0.25 -15.74
C LYS A 462 -22.22 1.53 -16.54
N LEU A 463 -22.61 1.47 -17.82
CA LEU A 463 -22.55 2.67 -18.70
C LEU A 463 -24.01 2.99 -18.89
N ASN A 464 -24.50 4.00 -18.19
CA ASN A 464 -25.94 4.34 -18.20
C ASN A 464 -26.32 5.13 -19.49
N SER A 465 -27.58 4.99 -19.90
CA SER A 465 -28.08 5.73 -21.10
C SER A 465 -27.92 7.27 -21.02
N ASP A 466 -28.04 7.81 -19.80
CA ASP A 466 -27.98 9.26 -19.61
C ASP A 466 -26.58 9.84 -19.58
N GLY A 467 -25.59 9.00 -19.80
CA GLY A 467 -24.21 9.43 -19.96
C GLY A 467 -23.49 9.27 -18.61
N THR A 468 -24.21 8.94 -17.55
CA THR A 468 -23.54 8.64 -16.26
C THR A 468 -22.90 7.25 -16.29
N PHE A 469 -22.13 6.92 -15.24
CA PHE A 469 -21.57 5.55 -15.13
C PHE A 469 -21.49 5.13 -13.66
N ALA A 470 -21.35 3.83 -13.44
CA ALA A 470 -21.07 3.33 -12.10
C ALA A 470 -20.16 2.11 -12.22
N ILE A 471 -19.23 1.98 -11.26
CA ILE A 471 -18.35 0.80 -11.18
C ILE A 471 -18.61 0.09 -9.82
N PRO A 472 -18.30 -1.20 -9.72
CA PRO A 472 -18.43 -1.85 -8.39
C PRO A 472 -17.69 -1.06 -7.32
N SER A 473 -18.31 -0.93 -6.18
CA SER A 473 -17.72 -0.27 -5.04
C SER A 473 -17.26 -1.31 -3.98
N THR A 474 -18.19 -2.15 -3.56
CA THR A 474 -17.97 -3.25 -2.60
C THR A 474 -18.20 -4.61 -3.20
N LEU A 475 -17.36 -5.56 -2.80
CA LEU A 475 -17.47 -6.93 -3.19
C LEU A 475 -17.66 -7.83 -1.99
N ASP A 476 -18.19 -9.00 -2.26
CA ASP A 476 -18.23 -10.09 -1.27
C ASP A 476 -17.82 -11.34 -2.02
N TRP A 477 -17.41 -12.37 -1.26
CA TRP A 477 -16.78 -13.54 -1.79
C TRP A 477 -17.36 -14.77 -1.15
N SER A 478 -17.33 -15.87 -1.89
CA SER A 478 -17.71 -17.14 -1.28
C SER A 478 -16.88 -18.30 -1.88
N GLY A 479 -16.67 -19.36 -1.09
CA GLY A 479 -15.94 -20.49 -1.54
C GLY A 479 -14.42 -20.29 -1.50
N GLN A 480 -13.72 -21.15 -2.22
N GLN A 480 -13.73 -21.06 -2.31
CA GLN A 480 -12.26 -21.16 -2.28
CA GLN A 480 -12.28 -21.08 -2.31
C GLN A 480 -11.76 -21.51 -3.69
C GLN A 480 -11.73 -21.60 -3.63
N PRO A 481 -10.50 -21.20 -3.97
CA PRO A 481 -9.89 -21.74 -5.17
C PRO A 481 -9.54 -23.23 -5.00
N ASP A 482 -9.22 -23.95 -6.07
CA ASP A 482 -8.57 -25.24 -5.96
C ASP A 482 -7.12 -25.05 -5.44
N THR A 483 -6.63 -25.96 -4.62
CA THR A 483 -5.24 -25.94 -4.24
C THR A 483 -4.36 -25.84 -5.49
N TRP A 484 -3.33 -24.99 -5.43
CA TRP A 484 -2.50 -24.71 -6.60
C TRP A 484 -1.58 -25.85 -6.86
N ASN A 485 -1.56 -26.33 -8.10
CA ASN A 485 -0.51 -27.18 -8.59
C ASN A 485 0.20 -26.73 -9.90
N GLY A 486 0.25 -25.43 -10.14
CA GLY A 486 1.03 -24.89 -11.23
C GLY A 486 0.14 -24.46 -12.40
N THR A 487 -1.13 -24.92 -12.49
CA THR A 487 -2.01 -24.44 -13.57
C THR A 487 -3.41 -24.09 -13.10
N TYR A 488 -4.00 -23.15 -13.80
CA TYR A 488 -5.31 -22.59 -13.43
C TYR A 488 -6.41 -23.59 -13.73
N THR A 489 -7.32 -23.81 -12.80
CA THR A 489 -8.35 -24.83 -12.96
C THR A 489 -9.67 -24.23 -13.43
N GLY A 490 -9.76 -22.92 -13.44
CA GLY A 490 -11.06 -22.22 -13.50
C GLY A 490 -11.71 -21.87 -12.20
N ASN A 491 -11.17 -22.40 -11.08
CA ASN A 491 -11.80 -22.13 -9.79
C ASN A 491 -13.35 -22.09 -9.74
N PRO A 492 -14.01 -23.17 -10.18
CA PRO A 492 -15.47 -23.11 -10.35
C PRO A 492 -16.23 -22.96 -9.08
N ASN A 493 -15.63 -23.21 -7.89
CA ASN A 493 -16.31 -22.94 -6.64
C ASN A 493 -15.90 -21.66 -5.92
N LEU A 494 -15.06 -20.84 -6.56
CA LEU A 494 -14.74 -19.53 -6.01
C LEU A 494 -15.56 -18.40 -6.69
N HIS A 495 -16.34 -17.66 -5.92
CA HIS A 495 -17.27 -16.64 -6.49
C HIS A 495 -17.12 -15.30 -5.93
N VAL A 496 -17.14 -14.32 -6.85
CA VAL A 496 -17.29 -12.92 -6.44
C VAL A 496 -18.79 -12.51 -6.49
N LYS A 497 -19.15 -11.52 -5.72
CA LYS A 497 -20.44 -10.89 -5.81
C LYS A 497 -20.24 -9.39 -5.67
N VAL A 498 -20.91 -8.60 -6.52
CA VAL A 498 -20.91 -7.16 -6.40
C VAL A 498 -22.00 -6.77 -5.44
N VAL A 499 -21.63 -6.15 -4.33
CA VAL A 499 -22.59 -5.77 -3.34
C VAL A 499 -23.25 -4.41 -3.69
N ASP A 500 -22.47 -3.43 -4.09
CA ASP A 500 -22.99 -2.12 -4.48
C ASP A 500 -22.03 -1.42 -5.48
N TYR A 501 -22.47 -0.26 -5.97
CA TYR A 501 -21.85 0.50 -7.02
C TYR A 501 -21.59 1.90 -6.56
N GLY A 502 -20.65 2.55 -7.23
CA GLY A 502 -20.24 3.88 -6.88
C GLY A 502 -19.59 4.58 -8.06
N THR A 503 -19.08 5.79 -7.79
CA THR A 503 -18.42 6.59 -8.75
C THR A 503 -17.12 7.03 -8.20
N ASP A 504 -16.30 6.07 -7.70
CA ASP A 504 -14.96 6.40 -7.26
C ASP A 504 -14.12 6.74 -8.45
N LEU A 505 -13.64 7.97 -8.51
CA LEU A 505 -13.09 8.47 -9.78
C LEU A 505 -11.64 7.97 -9.92
N GLY A 506 -10.88 7.92 -8.81
CA GLY A 506 -9.52 7.34 -8.86
C GLY A 506 -9.54 5.90 -9.34
N ILE A 507 -10.47 5.12 -8.80
CA ILE A 507 -10.60 3.75 -9.22
C ILE A 507 -11.10 3.63 -10.69
N THR A 508 -12.07 4.45 -11.05
CA THR A 508 -12.56 4.46 -12.44
C THR A 508 -11.44 4.74 -13.40
N ALA A 509 -10.59 5.72 -13.06
CA ALA A 509 -9.44 6.09 -13.89
C ALA A 509 -8.45 4.92 -13.99
N SER A 510 -8.16 4.29 -12.83
CA SER A 510 -7.27 3.17 -12.75
C SER A 510 -7.72 1.98 -13.59
N LEU A 511 -8.99 1.68 -13.59
CA LEU A 511 -9.57 0.64 -14.37
C LEU A 511 -9.46 0.93 -15.90
N ALA A 512 -9.79 2.17 -16.28
CA ALA A 512 -9.56 2.60 -17.68
C ALA A 512 -8.11 2.42 -18.10
N ASN A 513 -7.15 2.86 -17.27
CA ASN A 513 -5.70 2.58 -17.46
C ASN A 513 -5.37 1.08 -17.71
N ALA A 514 -5.81 0.19 -16.79
CA ALA A 514 -5.68 -1.24 -16.95
C ALA A 514 -6.24 -1.69 -18.32
N LEU A 515 -7.48 -1.31 -18.62
CA LEU A 515 -8.12 -1.69 -19.88
C LEU A 515 -7.30 -1.19 -21.09
N LEU A 516 -6.67 -0.03 -21.00
CA LEU A 516 -5.90 0.54 -22.12
C LEU A 516 -4.66 -0.23 -22.35
N TYR A 517 -3.90 -0.51 -21.29
CA TYR A 517 -2.73 -1.34 -21.43
C TYR A 517 -3.11 -2.70 -21.99
N TYR A 518 -4.23 -3.24 -21.56
CA TYR A 518 -4.57 -4.62 -21.99
C TYR A 518 -4.90 -4.59 -23.48
N SER A 519 -5.79 -3.65 -23.85
CA SER A 519 -6.16 -3.46 -25.26
C SER A 519 -4.95 -3.27 -26.16
N ALA A 520 -4.04 -2.40 -25.78
CA ALA A 520 -2.82 -2.14 -26.56
C ALA A 520 -2.01 -3.42 -26.73
N ALA A 521 -1.94 -4.18 -25.63
CA ALA A 521 -1.30 -5.46 -25.64
C ALA A 521 -1.93 -6.47 -26.60
N THR A 522 -3.26 -6.59 -26.61
CA THR A 522 -3.89 -7.55 -27.47
C THR A 522 -3.59 -7.22 -28.96
N LYS A 523 -3.43 -5.94 -29.26
CA LYS A 523 -3.12 -5.46 -30.60
C LYS A 523 -1.76 -5.95 -31.03
N LYS A 524 -0.80 -5.84 -30.12
N LYS A 524 -0.79 -5.82 -30.12
CA LYS A 524 0.55 -6.32 -30.32
CA LYS A 524 0.57 -6.33 -30.36
C LYS A 524 0.69 -7.84 -30.43
C LYS A 524 0.70 -7.85 -30.43
N TYR A 525 -0.02 -8.56 -29.58
CA TYR A 525 0.23 -9.98 -29.37
C TYR A 525 -0.89 -10.93 -29.84
N GLY A 526 -2.07 -10.43 -30.22
CA GLY A 526 -3.20 -11.31 -30.52
C GLY A 526 -4.29 -10.59 -31.27
N VAL A 527 -5.54 -10.81 -30.89
CA VAL A 527 -6.65 -10.11 -31.50
C VAL A 527 -6.95 -8.83 -30.70
N PHE A 528 -6.76 -7.68 -31.33
CA PHE A 528 -7.08 -6.39 -30.78
C PHE A 528 -8.46 -6.39 -30.12
N ASP A 529 -8.45 -6.19 -28.80
CA ASP A 529 -9.71 -6.07 -28.07
C ASP A 529 -10.05 -4.57 -28.09
N GLU A 530 -10.80 -4.20 -29.12
CA GLU A 530 -11.24 -2.83 -29.26
C GLU A 530 -12.31 -2.44 -28.24
N GLU A 531 -13.20 -3.34 -27.87
CA GLU A 531 -14.23 -3.05 -26.83
C GLU A 531 -13.61 -2.56 -25.50
N ALA A 532 -12.55 -3.25 -25.07
CA ALA A 532 -11.79 -2.88 -23.86
C ALA A 532 -11.33 -1.43 -23.96
N LYS A 533 -10.77 -1.05 -25.11
CA LYS A 533 -10.35 0.35 -25.32
C LYS A 533 -11.54 1.32 -25.23
N ASN A 534 -12.63 0.96 -25.88
CA ASN A 534 -13.82 1.78 -25.93
C ASN A 534 -14.45 1.95 -24.55
N LEU A 535 -14.56 0.88 -23.77
CA LEU A 535 -15.03 1.01 -22.41
C LEU A 535 -14.15 1.94 -21.61
N ALA A 536 -12.82 1.82 -21.74
CA ALA A 536 -11.90 2.71 -21.07
C ALA A 536 -12.10 4.18 -21.44
N LYS A 537 -12.29 4.38 -22.76
CA LYS A 537 -12.50 5.74 -23.29
C LYS A 537 -13.82 6.34 -22.85
N GLU A 538 -14.90 5.55 -22.88
CA GLU A 538 -16.16 5.98 -22.33
C GLU A 538 -16.02 6.44 -20.86
N LEU A 539 -15.39 5.62 -20.02
CA LEU A 539 -15.24 6.00 -18.59
C LEU A 539 -14.53 7.32 -18.48
N LEU A 540 -13.37 7.48 -19.12
CA LEU A 540 -12.57 8.68 -19.03
C LEU A 540 -13.36 9.95 -19.55
N ASP A 541 -14.12 9.79 -20.67
CA ASP A 541 -14.86 10.92 -21.27
C ASP A 541 -16.07 11.28 -20.45
N ARG A 542 -16.83 10.28 -19.98
CA ARG A 542 -18.00 10.59 -19.17
C ARG A 542 -17.51 11.30 -17.91
N MET A 543 -16.39 10.85 -17.35
CA MET A 543 -15.87 11.48 -16.13
C MET A 543 -15.49 12.94 -16.39
N TRP A 544 -14.79 13.16 -17.49
CA TRP A 544 -14.34 14.49 -17.85
C TRP A 544 -15.55 15.45 -18.12
N LYS A 545 -16.60 14.92 -18.69
CA LYS A 545 -17.82 15.71 -19.00
C LYS A 545 -18.51 16.10 -17.72
N LEU A 546 -18.56 15.18 -16.75
CA LEU A 546 -19.38 15.30 -15.56
C LEU A 546 -18.76 15.91 -14.30
N TYR A 547 -17.46 15.74 -14.06
CA TYR A 547 -16.97 15.87 -12.66
C TYR A 547 -15.85 16.83 -12.50
N ARG A 548 -15.57 17.64 -13.53
CA ARG A 548 -14.50 18.65 -13.33
C ARG A 548 -14.96 19.71 -12.34
N ASP A 549 -14.01 20.27 -11.64
CA ASP A 549 -14.34 21.32 -10.71
C ASP A 549 -13.11 22.18 -10.47
N GLU A 550 -13.19 23.10 -9.52
CA GLU A 550 -12.16 24.07 -9.33
C GLU A 550 -10.76 23.50 -9.02
N LYS A 551 -10.65 22.37 -8.32
N LYS A 551 -10.69 22.38 -8.30
CA LYS A 551 -9.33 21.84 -7.98
CA LYS A 551 -9.38 21.81 -7.88
C LYS A 551 -8.94 20.56 -8.72
C LYS A 551 -8.96 20.55 -8.69
N GLY A 552 -9.83 20.08 -9.58
CA GLY A 552 -9.54 18.96 -10.48
C GLY A 552 -10.82 18.29 -10.84
N LEU A 553 -11.05 17.02 -10.40
CA LEU A 553 -12.30 16.36 -10.52
C LEU A 553 -12.70 15.78 -9.18
N SER A 554 -13.99 15.77 -8.94
CA SER A 554 -14.58 15.12 -7.80
C SER A 554 -15.97 14.66 -8.09
N ALA A 555 -16.40 13.64 -7.36
CA ALA A 555 -17.78 13.18 -7.38
C ALA A 555 -18.31 13.05 -5.96
N PRO A 556 -19.61 13.34 -5.75
CA PRO A 556 -20.15 13.29 -4.43
C PRO A 556 -20.05 11.89 -3.87
N GLU A 557 -19.76 11.79 -2.59
CA GLU A 557 -19.76 10.49 -1.95
C GLU A 557 -20.35 10.62 -0.54
N LYS A 558 -21.22 9.70 -0.21
N LYS A 558 -21.24 9.71 -0.20
CA LYS A 558 -21.85 9.65 1.10
CA LYS A 558 -21.86 9.68 1.10
C LYS A 558 -20.96 8.87 2.04
C LYS A 558 -20.99 8.87 2.05
N ARG A 559 -20.80 9.39 3.27
CA ARG A 559 -19.98 8.73 4.29
C ARG A 559 -20.74 8.57 5.58
N ALA A 560 -21.65 7.62 5.55
CA ALA A 560 -22.41 7.19 6.69
C ALA A 560 -21.50 6.62 7.79
N ASP A 561 -20.36 6.04 7.37
CA ASP A 561 -19.37 5.52 8.32
C ASP A 561 -18.84 6.59 9.22
N TYR A 562 -19.06 7.85 8.87
CA TYR A 562 -18.54 8.91 9.69
C TYR A 562 -19.27 9.09 11.02
N LYS A 563 -20.35 8.38 11.25
CA LYS A 563 -20.83 8.25 12.63
C LYS A 563 -19.73 7.77 13.59
N ARG A 564 -18.75 7.04 13.08
CA ARG A 564 -17.72 6.44 13.93
C ARG A 564 -16.81 7.50 14.47
N PHE A 565 -16.72 8.70 13.89
CA PHE A 565 -16.00 9.75 14.55
C PHE A 565 -16.49 9.91 16.03
N PHE A 566 -17.82 9.86 16.23
CA PHE A 566 -18.47 10.21 17.49
C PHE A 566 -18.69 8.99 18.34
N GLU A 567 -18.94 7.85 17.70
CA GLU A 567 -19.46 6.65 18.40
C GLU A 567 -18.45 5.55 18.64
N GLN A 568 -17.30 5.57 17.94
CA GLN A 568 -16.40 4.41 17.97
C GLN A 568 -15.56 4.48 19.23
N GLU A 569 -15.72 3.49 20.09
CA GLU A 569 -14.81 3.36 21.24
C GLU A 569 -13.44 2.88 20.80
N VAL A 570 -12.39 3.48 21.31
CA VAL A 570 -11.02 3.03 21.09
C VAL A 570 -10.63 2.21 22.33
N TYR A 571 -10.29 0.94 22.15
CA TYR A 571 -9.96 0.09 23.29
C TYR A 571 -8.73 0.65 23.98
N ILE A 572 -8.79 0.80 25.31
CA ILE A 572 -7.62 1.12 26.11
C ILE A 572 -7.74 0.20 27.36
N PRO A 573 -6.67 -0.50 27.75
CA PRO A 573 -6.83 -1.37 28.93
C PRO A 573 -7.26 -0.60 30.19
N ALA A 574 -8.16 -1.18 30.99
CA ALA A 574 -8.44 -0.67 32.35
C ALA A 574 -7.13 -0.33 33.06
N GLY A 575 -7.05 0.88 33.61
CA GLY A 575 -5.88 1.30 34.37
C GLY A 575 -4.80 2.00 33.56
N TRP A 576 -4.82 1.89 32.22
CA TRP A 576 -3.82 2.57 31.42
C TRP A 576 -4.26 4.01 31.22
N THR A 577 -3.37 4.96 31.45
CA THR A 577 -3.63 6.38 31.15
C THR A 577 -2.42 7.00 30.55
N GLY A 578 -2.65 7.97 29.68
CA GLY A 578 -1.60 8.71 29.07
C GLY A 578 -2.22 9.91 28.39
N LYS A 579 -1.39 10.59 27.62
CA LYS A 579 -1.84 11.76 26.93
C LYS A 579 -1.27 11.86 25.51
N MET A 580 -2.06 12.52 24.67
CA MET A 580 -1.62 12.91 23.35
C MET A 580 -0.84 14.17 23.53
N PRO A 581 -0.06 14.58 22.51
CA PRO A 581 0.71 15.83 22.59
C PRO A 581 -0.07 17.11 22.94
N ASN A 582 -1.31 17.22 22.47
CA ASN A 582 -2.17 18.35 22.79
C ASN A 582 -2.92 18.26 24.15
N GLY A 583 -2.64 17.24 24.95
CA GLY A 583 -3.22 17.06 26.26
C GLY A 583 -4.41 16.21 26.31
N ASP A 584 -4.89 15.76 25.15
CA ASP A 584 -6.06 14.94 25.15
C ASP A 584 -5.73 13.72 25.98
N VAL A 585 -6.65 13.30 26.83
CA VAL A 585 -6.33 12.20 27.73
C VAL A 585 -6.74 10.88 27.10
N ILE A 586 -5.84 9.90 27.25
CA ILE A 586 -6.12 8.55 26.73
C ILE A 586 -6.42 7.64 27.91
N LYS A 587 -7.60 7.05 27.91
CA LYS A 587 -8.02 6.12 28.93
C LYS A 587 -9.19 5.33 28.44
N SER A 588 -9.58 4.33 29.25
CA SER A 588 -10.66 3.46 28.93
C SER A 588 -11.93 4.21 28.62
N GLY A 589 -12.65 3.73 27.60
CA GLY A 589 -13.89 4.33 27.14
C GLY A 589 -13.83 5.50 26.15
N VAL A 590 -12.65 6.06 25.86
CA VAL A 590 -12.52 7.19 24.92
C VAL A 590 -13.01 6.84 23.52
N LYS A 591 -13.53 7.86 22.83
CA LYS A 591 -14.01 7.70 21.43
C LYS A 591 -12.96 8.19 20.48
N PHE A 592 -13.16 7.89 19.21
CA PHE A 592 -12.25 8.34 18.19
C PHE A 592 -11.85 9.82 18.32
N ILE A 593 -12.85 10.68 18.46
CA ILE A 593 -12.68 12.12 18.50
C ILE A 593 -12.10 12.60 19.84
N ASP A 594 -12.24 11.81 20.91
CA ASP A 594 -11.70 12.21 22.22
C ASP A 594 -10.18 12.34 22.26
N ILE A 595 -9.48 11.59 21.39
CA ILE A 595 -8.02 11.63 21.33
C ILE A 595 -7.58 12.39 20.12
N ARG A 596 -8.51 13.06 19.47
CA ARG A 596 -8.20 13.89 18.35
C ARG A 596 -9.03 15.19 18.42
N SER A 597 -9.07 15.81 19.59
CA SER A 597 -9.89 17.00 19.80
C SER A 597 -9.64 18.12 18.76
N LYS A 598 -8.47 18.18 18.15
CA LYS A 598 -8.22 19.22 17.14
C LYS A 598 -9.11 19.09 15.91
N TYR A 599 -9.75 17.94 15.76
CA TYR A 599 -10.70 17.78 14.69
C TYR A 599 -11.81 18.84 14.81
N LYS A 600 -12.12 19.24 16.06
CA LYS A 600 -13.26 20.15 16.28
C LYS A 600 -12.99 21.53 15.73
N GLN A 601 -11.72 21.87 15.50
CA GLN A 601 -11.34 23.08 14.76
C GLN A 601 -11.17 22.94 13.23
N ASP A 602 -11.52 21.79 12.69
CA ASP A 602 -11.52 21.66 11.24
C ASP A 602 -12.62 22.52 10.60
N PRO A 603 -12.31 23.16 9.45
CA PRO A 603 -13.31 23.95 8.74
C PRO A 603 -14.60 23.22 8.51
N ASP A 604 -14.56 21.92 8.27
CA ASP A 604 -15.80 21.18 8.01
C ASP A 604 -16.37 20.54 9.20
N TRP A 605 -15.79 20.79 10.39
CA TRP A 605 -16.30 20.12 11.56
C TRP A 605 -17.76 20.49 11.85
N PRO A 606 -18.05 21.81 11.90
CA PRO A 606 -19.46 22.24 12.13
C PRO A 606 -20.43 21.53 11.22
N LYS A 607 -20.14 21.49 9.92
CA LYS A 607 -20.96 20.72 8.96
C LYS A 607 -21.19 19.28 9.35
N LEU A 608 -20.10 18.57 9.69
CA LEU A 608 -20.22 17.15 10.06
C LEU A 608 -20.98 17.00 11.39
N GLU A 609 -20.62 17.81 12.37
CA GLU A 609 -21.25 17.69 13.67
C GLU A 609 -22.79 17.94 13.56
N ALA A 610 -23.19 18.92 12.73
CA ALA A 610 -24.58 19.24 12.58
C ALA A 610 -25.26 18.08 11.85
N ALA A 611 -24.58 17.51 10.86
CA ALA A 611 -25.11 16.40 10.11
C ALA A 611 -25.30 15.21 11.04
N TYR A 612 -24.32 14.97 11.88
CA TYR A 612 -24.45 13.88 12.82
C TYR A 612 -25.55 14.12 13.89
N LYS A 613 -25.54 15.26 14.59
CA LYS A 613 -26.56 15.56 15.64
C LYS A 613 -27.98 15.49 15.05
N SER A 614 -28.08 15.77 13.74
CA SER A 614 -29.34 15.83 12.98
C SER A 614 -29.80 14.52 12.33
N GLY A 615 -29.07 13.40 12.53
CA GLY A 615 -29.44 12.12 11.91
C GLY A 615 -29.17 12.02 10.40
N GLN A 616 -28.20 12.75 9.90
CA GLN A 616 -28.05 12.77 8.41
C GLN A 616 -26.64 12.32 7.97
N VAL A 617 -26.62 11.70 6.81
CA VAL A 617 -25.40 11.15 6.23
C VAL A 617 -24.63 12.28 5.56
N PRO A 618 -23.43 12.60 6.06
CA PRO A 618 -22.67 13.66 5.41
C PRO A 618 -22.21 13.18 4.01
N GLU A 619 -21.98 14.15 3.12
CA GLU A 619 -21.62 13.89 1.75
C GLU A 619 -20.45 14.81 1.39
N PHE A 620 -19.45 14.27 0.69
CA PHE A 620 -18.26 15.01 0.37
C PHE A 620 -17.88 14.92 -1.08
N ARG A 621 -17.13 15.91 -1.54
CA ARG A 621 -16.48 15.89 -2.82
C ARG A 621 -15.00 16.03 -2.61
N TYR A 622 -14.30 14.90 -2.56
CA TYR A 622 -12.87 14.89 -2.27
C TYR A 622 -11.96 14.98 -3.48
N HIS A 623 -10.85 15.63 -3.26
CA HIS A 623 -9.69 15.61 -4.12
C HIS A 623 -8.57 14.86 -3.37
N ARG A 624 -8.63 13.53 -3.44
CA ARG A 624 -7.51 12.71 -3.02
C ARG A 624 -6.35 12.84 -4.00
N PHE A 625 -5.15 13.01 -3.49
CA PHE A 625 -4.02 13.21 -4.40
C PHE A 625 -3.87 12.00 -5.35
N TRP A 626 -3.96 10.78 -4.78
CA TRP A 626 -3.74 9.59 -5.60
C TRP A 626 -4.80 9.51 -6.69
N ALA A 627 -6.03 9.91 -6.41
CA ALA A 627 -7.08 9.82 -7.38
C ALA A 627 -6.86 10.77 -8.54
N GLN A 628 -6.46 11.99 -8.21
CA GLN A 628 -6.21 13.03 -9.23
C GLN A 628 -5.06 12.58 -10.07
N CYS A 629 -4.08 11.92 -9.44
CA CYS A 629 -2.99 11.31 -10.17
C CYS A 629 -3.43 10.17 -11.09
N ASP A 630 -4.22 9.24 -10.58
CA ASP A 630 -4.73 8.18 -11.42
C ASP A 630 -5.50 8.75 -12.64
N ILE A 631 -6.31 9.79 -12.39
CA ILE A 631 -7.10 10.42 -13.46
C ILE A 631 -6.18 10.97 -14.56
N ALA A 632 -5.21 11.74 -14.16
CA ALA A 632 -4.29 12.39 -15.09
C ALA A 632 -3.57 11.35 -15.91
N ILE A 633 -3.03 10.38 -15.19
CA ILE A 633 -2.23 9.31 -15.76
C ILE A 633 -2.98 8.42 -16.72
N ALA A 634 -4.25 8.08 -16.40
CA ALA A 634 -5.08 7.31 -17.33
C ALA A 634 -5.36 8.05 -18.66
N ASN A 635 -5.69 9.32 -18.55
CA ASN A 635 -5.88 10.19 -19.76
C ASN A 635 -4.59 10.26 -20.58
N ALA A 636 -3.46 10.59 -19.96
CA ALA A 636 -2.19 10.46 -20.63
C ALA A 636 -1.94 9.09 -21.24
N THR A 637 -2.24 8.02 -20.50
CA THR A 637 -2.04 6.67 -21.02
C THR A 637 -2.81 6.44 -22.33
N TYR A 638 -4.06 6.93 -22.47
CA TYR A 638 -4.71 6.89 -23.78
C TYR A 638 -3.81 7.56 -24.85
N GLU A 639 -3.30 8.74 -24.57
CA GLU A 639 -2.48 9.41 -25.59
C GLU A 639 -1.25 8.60 -25.95
N ILE A 640 -0.49 8.17 -24.94
CA ILE A 640 0.74 7.37 -25.13
C ILE A 640 0.49 6.11 -25.94
N LEU A 641 -0.61 5.41 -25.71
CA LEU A 641 -0.81 4.11 -26.34
C LEU A 641 -1.55 4.23 -27.65
N PHE A 642 -2.50 5.15 -27.74
CA PHE A 642 -3.46 5.15 -28.84
C PHE A 642 -3.56 6.46 -29.64
N GLY A 643 -2.61 7.38 -29.48
CA GLY A 643 -2.73 8.73 -30.01
C GLY A 643 -1.41 9.09 -30.68
C2 BGC B . -13.15 2.98 0.67
C3 BGC B . -11.79 3.38 1.20
C4 BGC B . -11.05 4.07 0.04
C5 BGC B . -11.85 5.21 -0.64
C6 BGC B . -11.15 5.77 -1.84
C1 BGC B . -13.78 4.29 0.20
O1 BGC B . -15.08 3.99 -0.13
O2 BGC B . -13.80 2.26 1.73
O3 BGC B . -11.05 2.18 1.59
O4 BGC B . -9.90 4.65 0.55
O5 BGC B . -13.13 4.73 -0.99
O6 BGC B . -11.03 4.82 -2.87
C2 BGC B . -7.59 5.13 0.46
C3 BGC B . -6.26 4.57 -0.01
C4 BGC B . -6.02 3.16 0.50
C5 BGC B . -7.18 2.29 0.07
C6 BGC B . -7.03 0.85 0.57
C1 BGC B . -8.66 4.19 0.05
O2 BGC B . -7.86 6.35 -0.22
O3 BGC B . -5.32 5.42 0.59
O4 BGC B . -4.87 2.66 -0.10
O5 BGC B . -8.43 2.88 0.53
O6 BGC B . -6.90 0.97 2.01
C2 BGC C . 9.63 -6.65 17.88
C3 BGC C . 10.38 -7.39 18.97
C4 BGC C . 10.85 -6.32 19.98
C5 BGC C . 9.78 -5.30 20.34
C6 BGC C . 10.39 -4.08 21.01
C1 BGC C . 8.41 -6.04 18.57
O1 BGC C . 7.31 -5.74 17.70
O2 BGC C . 9.39 -7.42 16.72
O3 BGC C . 11.50 -8.07 18.43
O4 BGC C . 11.30 -6.98 21.16
O5 BGC C . 9.00 -4.89 19.20
O6 BGC C . 9.34 -3.39 21.70
C2 BGC C . 12.91 -7.42 22.81
C3 BGC C . 14.39 -7.51 23.08
C4 BGC C . 14.99 -8.42 22.03
C5 BGC C . 14.76 -7.78 20.63
C6 BGC C . 15.34 -8.56 19.46
C1 BGC C . 12.68 -6.85 21.42
O2 BGC C . 12.34 -6.65 23.86
O3 BGC C . 14.58 -7.98 24.42
O4 BGC C . 16.39 -8.52 22.28
O5 BGC C . 13.35 -7.59 20.39
O6 BGC C . 14.54 -9.76 19.34
CA CA D . -13.35 -3.32 14.54
#